data_2GE3
#
_entry.id   2GE3
#
_cell.length_a   79.906
_cell.length_b   90.796
_cell.length_c   103.789
_cell.angle_alpha   90.00
_cell.angle_beta   90.00
_cell.angle_gamma   90.00
#
_symmetry.space_group_name_H-M   'P 21 21 21'
#
loop_
_entity.id
_entity.type
_entity.pdbx_description
1 polymer 'probable acetyltransferase'
2 non-polymer 'ACETYL COENZYME *A'
3 water water
#
_entity_poly.entity_id   1
_entity_poly.type   'polypeptide(L)'
_entity_poly.pdbx_seq_one_letter_code
;(MSE)(MSE)ALDDTVTIKPIRAEHVESFHRALDAVSRERKYLSFLEAPPLEAVRAFVLD(MSE)IENDHPQFVAIADGD
VIGWCDIRRQDRATRAHCGTLG(MSE)GILPAYRNKGLGARL(MSE)RRTLDAAHEFGLHRIELSVHADNARAIALYEKI
GFAHEGRARDAVSIDGHYIDSLN(MSE)AIIFGN
;
_entity_poly.pdbx_strand_id   A,B,C,D
#
loop_
_chem_comp.id
_chem_comp.type
_chem_comp.name
_chem_comp.formula
ACO non-polymer 'ACETYL COENZYME *A' 'C23 H38 N7 O17 P3 S'
#
# COMPACT_ATOMS: atom_id res chain seq x y z
N ASP A 6 53.29 -2.90 19.47
CA ASP A 6 52.24 -2.73 20.50
C ASP A 6 50.82 -3.01 19.91
N THR A 7 50.18 -4.10 20.38
CA THR A 7 49.03 -4.72 19.68
C THR A 7 47.72 -3.91 19.57
N VAL A 8 47.20 -3.82 18.34
CA VAL A 8 45.82 -3.36 18.12
C VAL A 8 44.92 -4.55 17.92
N THR A 9 43.79 -4.54 18.61
CA THR A 9 42.73 -5.53 18.37
C THR A 9 41.48 -4.87 17.88
N ILE A 10 40.86 -5.53 16.88
CA ILE A 10 39.61 -5.07 16.27
C ILE A 10 38.47 -5.96 16.77
N LYS A 11 37.39 -5.40 17.25
CA LYS A 11 36.29 -6.21 17.76
C LYS A 11 34.99 -5.43 17.53
N PRO A 12 33.84 -6.14 17.54
CA PRO A 12 32.53 -5.43 17.49
C PRO A 12 32.43 -4.49 18.66
N ILE A 13 31.80 -3.35 18.47
CA ILE A 13 31.69 -2.42 19.56
C ILE A 13 30.71 -2.97 20.64
N ARG A 14 31.05 -2.72 21.91
CA ARG A 14 30.17 -3.04 23.02
C ARG A 14 29.82 -1.76 23.81
N ALA A 15 28.76 -1.84 24.61
CA ALA A 15 28.29 -0.73 25.49
C ALA A 15 29.41 0.01 26.25
N GLU A 16 30.40 -0.73 26.74
CA GLU A 16 31.49 -0.15 27.51
C GLU A 16 32.42 0.83 26.68
N HIS A 17 32.48 0.63 25.35
CA HIS A 17 33.33 1.42 24.42
C HIS A 17 32.76 2.80 24.14
N VAL A 18 31.49 3.04 24.49
CA VAL A 18 30.80 4.29 24.12
C VAL A 18 31.57 5.64 24.41
N GLU A 19 32.00 5.79 25.66
CA GLU A 19 32.82 6.93 26.08
C GLU A 19 34.22 7.10 25.40
N SER A 20 35.07 6.07 25.41
CA SER A 20 36.28 6.01 24.57
C SER A 20 36.07 6.32 23.01
N PHE A 21 35.04 5.71 22.45
CA PHE A 21 34.58 5.96 21.09
C PHE A 21 34.18 7.41 20.84
N HIS A 22 33.49 8.03 21.78
CA HIS A 22 33.05 9.39 21.61
C HIS A 22 34.23 10.33 21.61
N ARG A 23 35.24 10.06 22.47
CA ARG A 23 36.51 10.81 22.44
C ARG A 23 37.30 10.70 21.12
N ALA A 24 37.37 9.50 20.56
CA ALA A 24 38.01 9.17 19.26
C ALA A 24 37.33 9.95 18.14
N LEU A 25 36.01 9.91 18.15
CA LEU A 25 35.20 10.56 17.18
C LEU A 25 35.34 12.09 17.32
N ASP A 26 35.40 12.54 18.55
CA ASP A 26 35.55 13.95 18.81
C ASP A 26 36.94 14.50 18.40
N ALA A 27 38.01 13.75 18.74
CA ALA A 27 39.40 14.06 18.32
C ALA A 27 39.54 14.14 16.78
N VAL A 28 39.12 13.12 16.04
CA VAL A 28 39.21 13.13 14.58
C VAL A 28 38.31 14.21 13.91
N SER A 29 37.09 14.42 14.43
CA SER A 29 36.13 15.41 13.82
C SER A 29 36.73 16.82 13.95
N ARG A 30 37.33 17.06 15.11
CA ARG A 30 37.84 18.42 15.49
C ARG A 30 39.09 18.88 14.73
N GLU A 31 39.66 17.96 13.97
CA GLU A 31 40.74 18.26 13.06
C GLU A 31 40.19 19.03 11.91
N ARG A 32 38.87 18.88 11.66
CA ARG A 32 38.17 19.59 10.61
C ARG A 32 38.73 19.38 9.21
N LYS A 33 39.30 18.23 8.90
CA LYS A 33 39.78 17.99 7.50
C LYS A 33 39.18 16.81 6.79
N TYR A 34 38.71 15.85 7.53
CA TYR A 34 38.31 14.60 6.93
C TYR A 34 36.83 14.28 7.05
N LEU A 35 36.24 14.47 8.21
CA LEU A 35 34.85 14.04 8.46
C LEU A 35 33.83 15.08 8.07
N SER A 36 32.61 14.67 7.92
CA SER A 36 31.52 15.62 7.60
C SER A 36 30.86 16.30 8.81
N PHE A 37 31.19 15.84 10.00
CA PHE A 37 30.84 16.62 11.18
C PHE A 37 32.14 17.20 11.76
N LEU A 38 32.02 18.37 12.38
CA LEU A 38 33.18 19.16 12.79
C LEU A 38 33.43 18.94 14.30
N GLU A 39 32.56 18.14 14.90
CA GLU A 39 32.58 17.92 16.32
C GLU A 39 31.78 16.67 16.55
N ALA A 40 32.10 15.88 17.58
CA ALA A 40 31.23 14.72 17.86
C ALA A 40 29.83 15.18 18.34
N PRO A 41 28.83 14.33 18.13
CA PRO A 41 27.52 14.53 18.77
C PRO A 41 27.65 14.36 20.33
N PRO A 42 26.70 14.96 21.09
CA PRO A 42 26.87 14.84 22.54
C PRO A 42 26.98 13.38 23.00
N LEU A 43 27.71 13.11 24.08
CA LEU A 43 27.88 11.73 24.53
C LEU A 43 26.61 10.87 24.55
N GLU A 44 25.51 11.41 25.07
CA GLU A 44 24.33 10.58 25.27
C GLU A 44 23.63 10.35 23.95
N ALA A 45 23.84 11.27 23.01
CA ALA A 45 23.45 11.06 21.61
C ALA A 45 24.28 9.92 20.99
N VAL A 46 25.57 9.89 21.29
CA VAL A 46 26.40 8.82 20.75
C VAL A 46 26.01 7.46 21.40
N ARG A 47 25.77 7.44 22.69
CA ARG A 47 25.30 6.24 23.36
C ARG A 47 24.00 5.66 22.79
N ALA A 48 23.01 6.51 22.51
CA ALA A 48 21.76 6.07 21.89
C ALA A 48 22.06 5.34 20.56
N PHE A 49 22.88 5.98 19.74
CA PHE A 49 23.21 5.50 18.42
C PHE A 49 24.01 4.17 18.54
N VAL A 50 24.96 4.08 19.45
CA VAL A 50 25.68 2.82 19.65
C VAL A 50 24.84 1.68 20.23
N LEU A 51 24.00 1.98 21.22
CA LEU A 51 23.01 0.99 21.74
C LEU A 51 22.11 0.45 20.64
N ASP A 52 21.58 1.32 19.80
CA ASP A 52 20.72 0.96 18.65
C ASP A 52 21.40 0.07 17.59
N MSE A 53 22.62 0.43 17.21
CA MSE A 53 23.40 -0.37 16.29
C MSE A 53 23.62 -1.81 16.78
O MSE A 53 23.41 -2.76 16.04
CB MSE A 53 24.74 0.32 16.09
CG MSE A 53 24.52 1.72 15.54
SE MSE A 53 24.64 1.69 13.57
CE MSE A 53 26.65 2.11 13.51
N ILE A 54 24.07 -1.95 18.04
CA ILE A 54 24.27 -3.25 18.64
C ILE A 54 22.93 -4.04 18.62
N GLU A 55 21.83 -3.38 18.97
CA GLU A 55 20.58 -4.05 19.19
C GLU A 55 20.01 -4.58 17.88
N ASN A 56 20.15 -3.76 16.84
CA ASN A 56 19.74 -4.06 15.48
C ASN A 56 20.81 -4.66 14.58
N ASP A 57 21.90 -5.09 15.22
CA ASP A 57 22.91 -5.93 14.62
C ASP A 57 23.71 -5.28 13.45
N HIS A 58 23.75 -3.93 13.38
CA HIS A 58 24.48 -3.16 12.32
C HIS A 58 26.00 -3.06 12.56
N PRO A 59 26.82 -3.37 11.51
CA PRO A 59 28.28 -3.63 11.67
C PRO A 59 28.98 -2.38 12.21
N GLN A 60 29.67 -2.54 13.33
CA GLN A 60 30.33 -1.45 13.94
C GLN A 60 31.50 -1.99 14.73
N PHE A 61 32.71 -1.62 14.31
CA PHE A 61 33.92 -2.22 14.87
C PHE A 61 34.81 -1.15 15.44
N VAL A 62 35.54 -1.51 16.51
CA VAL A 62 36.48 -0.55 17.13
C VAL A 62 37.88 -1.12 17.10
N ALA A 63 38.88 -0.25 16.93
CA ALA A 63 40.23 -0.74 17.16
C ALA A 63 40.66 -0.27 18.52
N ILE A 64 41.16 -1.22 19.29
CA ILE A 64 41.47 -1.03 20.69
C ILE A 64 43.00 -1.15 20.94
N ALA A 65 43.57 -0.12 21.53
CA ALA A 65 44.98 -0.18 21.92
C ALA A 65 45.15 0.33 23.37
N ASP A 66 45.71 -0.54 24.19
CA ASP A 66 45.85 -0.27 25.65
C ASP A 66 44.54 0.18 26.28
N GLY A 67 43.50 -0.61 26.05
CA GLY A 67 42.17 -0.28 26.51
C GLY A 67 41.44 0.88 25.80
N ASP A 68 42.13 1.77 25.08
CA ASP A 68 41.44 2.93 24.45
C ASP A 68 40.93 2.52 23.03
N VAL A 69 39.81 3.13 22.57
CA VAL A 69 39.36 3.12 21.15
C VAL A 69 40.27 4.09 20.40
N ILE A 70 41.05 3.56 19.46
CA ILE A 70 41.92 4.41 18.63
C ILE A 70 41.44 4.49 17.16
N GLY A 71 40.30 3.85 16.87
CA GLY A 71 39.79 3.80 15.54
C GLY A 71 38.48 3.07 15.52
N TRP A 72 37.68 3.29 14.45
CA TRP A 72 36.36 2.69 14.30
C TRP A 72 36.00 2.63 12.82
N CYS A 73 35.08 1.75 12.49
CA CYS A 73 34.56 1.69 11.17
C CYS A 73 33.14 1.23 11.40
N ASP A 74 32.19 1.85 10.73
CA ASP A 74 30.84 1.41 10.90
C ASP A 74 29.94 1.54 9.65
N ILE A 75 28.91 0.72 9.61
CA ILE A 75 28.02 0.73 8.44
C ILE A 75 26.58 1.00 8.96
N ARG A 76 26.00 2.14 8.59
CA ARG A 76 24.58 2.41 8.87
C ARG A 76 23.67 1.98 7.70
N ARG A 77 22.81 1.00 8.00
CA ARG A 77 21.67 0.59 7.16
C ARG A 77 20.68 1.74 6.82
N GLN A 78 20.39 1.92 5.50
CA GLN A 78 19.38 2.86 5.00
C GLN A 78 18.01 2.46 5.55
N ASP A 79 17.18 3.46 5.84
CA ASP A 79 15.89 3.21 6.48
C ASP A 79 14.82 2.81 5.52
N ARG A 80 14.68 3.57 4.45
CA ARG A 80 13.56 3.26 3.59
C ARG A 80 13.61 1.85 2.97
N ALA A 81 12.42 1.28 2.77
CA ALA A 81 12.32 -0.08 2.33
C ALA A 81 12.99 -0.31 0.96
N THR A 82 12.94 0.67 0.04
CA THR A 82 13.59 0.52 -1.23
C THR A 82 15.14 0.64 -1.21
N ARG A 83 15.73 1.02 -0.07
CA ARG A 83 17.15 1.33 0.01
C ARG A 83 17.74 0.49 1.13
N ALA A 84 16.92 -0.32 1.80
CA ALA A 84 17.39 -1.18 2.94
C ALA A 84 18.44 -2.23 2.68
N HIS A 85 18.71 -2.64 1.41
CA HIS A 85 19.85 -3.47 1.04
C HIS A 85 21.19 -2.61 0.99
N CYS A 86 21.13 -1.34 1.32
CA CYS A 86 22.26 -0.41 1.32
C CYS A 86 22.73 0.08 2.68
N GLY A 87 24.05 0.17 2.86
CA GLY A 87 24.61 0.73 4.11
C GLY A 87 25.61 1.86 3.78
N THR A 88 25.75 2.86 4.66
CA THR A 88 26.71 3.95 4.52
C THR A 88 27.86 3.73 5.48
N LEU A 89 29.07 3.72 4.95
CA LEU A 89 30.28 3.53 5.74
C LEU A 89 30.88 4.87 6.30
N GLY A 90 31.28 4.89 7.59
CA GLY A 90 32.20 5.94 8.11
C GLY A 90 33.33 5.29 8.95
N MSE A 91 34.44 5.96 9.08
CA MSE A 91 35.56 5.44 9.81
C MSE A 91 36.56 6.53 10.07
O MSE A 91 36.58 7.55 9.36
CB MSE A 91 36.27 4.39 8.99
CG MSE A 91 36.84 4.94 7.75
SE MSE A 91 37.68 3.31 6.79
CE MSE A 91 38.65 2.41 8.41
N GLY A 92 37.41 6.27 11.06
CA GLY A 92 38.39 7.25 11.51
C GLY A 92 39.43 6.56 12.37
N ILE A 93 40.62 7.13 12.40
CA ILE A 93 41.71 6.55 13.17
C ILE A 93 42.48 7.75 13.75
N LEU A 94 42.90 7.64 15.02
CA LEU A 94 43.72 8.60 15.68
C LEU A 94 45.03 8.78 14.88
N PRO A 95 45.54 10.02 14.79
CA PRO A 95 46.70 10.33 13.94
C PRO A 95 47.92 9.42 14.13
N ALA A 96 48.29 9.07 15.38
CA ALA A 96 49.42 8.20 15.62
C ALA A 96 49.24 6.80 15.01
N TYR A 97 48.01 6.39 14.68
CA TYR A 97 47.83 4.99 14.23
C TYR A 97 47.54 4.86 12.74
N ARG A 98 47.57 5.98 12.03
CA ARG A 98 47.35 5.95 10.56
C ARG A 98 48.52 5.40 9.80
N ASN A 99 48.20 5.07 8.55
CA ASN A 99 49.15 4.66 7.55
C ASN A 99 49.86 3.40 7.95
N LYS A 100 49.24 2.55 8.74
CA LYS A 100 49.96 1.34 9.16
C LYS A 100 49.11 0.07 8.84
N GLY A 101 48.12 0.16 7.98
CA GLY A 101 47.38 -1.01 7.58
C GLY A 101 46.17 -1.29 8.45
N LEU A 102 45.99 -0.46 9.46
CA LEU A 102 44.88 -0.62 10.39
C LEU A 102 43.46 -0.29 9.80
N GLY A 103 43.37 0.72 8.96
CA GLY A 103 42.13 1.01 8.28
C GLY A 103 41.73 -0.13 7.39
N ALA A 104 42.69 -0.70 6.68
CA ALA A 104 42.43 -1.86 5.81
C ALA A 104 41.88 -2.99 6.60
N ARG A 105 42.43 -3.24 7.81
CA ARG A 105 41.92 -4.33 8.65
C ARG A 105 40.55 -4.07 9.20
N LEU A 106 40.33 -2.89 9.74
CA LEU A 106 38.98 -2.50 10.20
C LEU A 106 37.93 -2.56 9.10
N MSE A 107 38.25 -2.07 7.89
CA MSE A 107 37.35 -2.18 6.75
C MSE A 107 37.01 -3.61 6.37
O MSE A 107 35.86 -3.90 6.20
CB MSE A 107 37.93 -1.52 5.51
CG MSE A 107 36.86 -0.81 4.62
SE MSE A 107 37.85 0.75 3.72
CE MSE A 107 38.90 0.90 5.26
N ARG A 108 38.01 -4.49 6.23
CA ARG A 108 37.76 -5.90 5.96
C ARG A 108 36.82 -6.60 6.90
N ARG A 109 37.02 -6.37 8.19
CA ARG A 109 36.13 -6.95 9.20
C ARG A 109 34.73 -6.39 9.08
N THR A 110 34.65 -5.08 8.85
CA THR A 110 33.37 -4.37 8.84
C THR A 110 32.56 -4.76 7.59
N LEU A 111 33.20 -4.87 6.43
CA LEU A 111 32.57 -5.35 5.19
C LEU A 111 32.14 -6.79 5.23
N ASP A 112 33.00 -7.62 5.82
CA ASP A 112 32.61 -8.97 5.96
C ASP A 112 31.34 -9.09 6.86
N ALA A 113 31.30 -8.40 7.99
CA ALA A 113 30.08 -8.45 8.77
C ALA A 113 28.85 -7.89 7.99
N ALA A 114 29.06 -6.86 7.14
CA ALA A 114 27.92 -6.32 6.35
C ALA A 114 27.36 -7.33 5.35
N HIS A 115 28.27 -8.05 4.74
CA HIS A 115 27.90 -9.05 3.81
C HIS A 115 27.13 -10.18 4.55
N GLU A 116 27.68 -10.69 5.65
CA GLU A 116 27.01 -11.66 6.49
C GLU A 116 25.64 -11.20 6.90
N PHE A 117 25.52 -9.93 7.26
CA PHE A 117 24.20 -9.41 7.59
C PHE A 117 23.24 -9.45 6.38
N GLY A 118 23.67 -9.43 5.13
CA GLY A 118 22.71 -9.46 4.06
C GLY A 118 22.61 -8.22 3.20
N LEU A 119 23.49 -7.24 3.42
CA LEU A 119 23.54 -6.03 2.63
C LEU A 119 24.16 -6.32 1.30
N HIS A 120 23.65 -5.63 0.30
CA HIS A 120 24.11 -5.78 -1.09
C HIS A 120 25.16 -4.69 -1.47
N ARG A 121 24.87 -3.49 -0.99
CA ARG A 121 25.55 -2.25 -1.40
C ARG A 121 26.05 -1.42 -0.23
N ILE A 122 27.37 -1.20 -0.21
CA ILE A 122 28.04 -0.30 0.71
C ILE A 122 28.52 1.00 -0.01
N GLU A 123 28.10 2.16 0.49
CA GLU A 123 28.41 3.41 -0.15
C GLU A 123 29.05 4.37 0.84
N LEU A 124 29.81 5.32 0.31
CA LEU A 124 30.61 6.29 1.06
C LEU A 124 30.82 7.53 0.23
N SER A 125 31.04 8.62 0.93
CA SER A 125 31.45 9.89 0.33
C SER A 125 32.79 10.29 0.91
N VAL A 126 33.73 10.77 0.09
CA VAL A 126 35.04 11.16 0.55
C VAL A 126 35.46 12.51 -0.07
N HIS A 127 36.12 13.37 0.71
CA HIS A 127 36.65 14.61 0.17
C HIS A 127 37.66 14.34 -0.91
N ALA A 128 37.55 15.10 -2.02
CA ALA A 128 38.38 14.83 -3.22
C ALA A 128 39.86 14.99 -2.93
N ASP A 129 40.17 15.77 -1.91
CA ASP A 129 41.53 15.99 -1.51
C ASP A 129 42.01 15.05 -0.36
N ASN A 130 41.18 14.11 0.10
CA ASN A 130 41.60 13.15 1.12
C ASN A 130 42.32 11.97 0.46
N ALA A 131 43.55 12.15 0.00
CA ALA A 131 44.17 11.08 -0.88
C ALA A 131 44.46 9.74 -0.17
N ARG A 132 44.75 9.82 1.13
CA ARG A 132 44.96 8.65 1.90
C ARG A 132 43.67 7.74 2.01
N ALA A 133 42.50 8.35 2.30
CA ALA A 133 41.24 7.62 2.39
C ALA A 133 40.94 7.11 1.02
N ILE A 134 41.00 7.96 -0.03
CA ILE A 134 40.77 7.45 -1.37
C ILE A 134 41.62 6.19 -1.74
N ALA A 135 42.94 6.25 -1.57
CA ALA A 135 43.84 5.14 -1.86
C ALA A 135 43.48 3.91 -1.10
N LEU A 136 43.10 4.07 0.17
CA LEU A 136 42.64 2.89 0.93
C LEU A 136 41.32 2.36 0.37
N TYR A 137 40.37 3.23 0.08
CA TYR A 137 39.12 2.72 -0.51
C TYR A 137 39.33 2.02 -1.85
N GLU A 138 40.16 2.59 -2.73
CA GLU A 138 40.53 1.88 -3.98
C GLU A 138 41.13 0.47 -3.72
N LYS A 139 42.08 0.39 -2.78
CA LYS A 139 42.77 -0.83 -2.48
C LYS A 139 41.75 -1.85 -2.02
N ILE A 140 40.83 -1.47 -1.12
CA ILE A 140 39.85 -2.42 -0.61
C ILE A 140 38.90 -2.91 -1.72
N GLY A 141 38.69 -2.13 -2.81
CA GLY A 141 37.87 -2.55 -3.93
C GLY A 141 36.59 -1.68 -4.11
N PHE A 142 36.51 -0.47 -3.48
CA PHE A 142 35.42 0.47 -3.80
C PHE A 142 35.63 1.00 -5.22
N ALA A 143 34.54 1.15 -5.98
CA ALA A 143 34.51 1.77 -7.27
C ALA A 143 34.10 3.24 -7.12
N HIS A 144 34.71 4.09 -7.95
CA HIS A 144 34.24 5.42 -8.09
C HIS A 144 32.91 5.47 -8.80
N GLU A 145 32.03 6.33 -8.30
CA GLU A 145 30.69 6.42 -8.84
C GLU A 145 30.33 7.81 -9.28
N GLY A 146 31.18 8.79 -8.95
CA GLY A 146 31.07 10.13 -9.45
C GLY A 146 31.56 11.19 -8.50
N ARG A 147 31.53 12.47 -8.93
CA ARG A 147 32.25 13.54 -8.24
C ARG A 147 31.17 14.58 -7.96
N ALA A 148 31.00 14.98 -6.71
CA ALA A 148 30.05 16.03 -6.40
C ALA A 148 30.74 17.41 -6.27
N ARG A 149 30.48 18.39 -7.15
CA ARG A 149 31.24 19.63 -7.16
C ARG A 149 30.79 20.56 -6.05
N ASP A 150 31.72 21.13 -5.30
CA ASP A 150 31.36 22.04 -4.21
C ASP A 150 30.36 21.43 -3.19
N ALA A 151 30.46 20.17 -2.90
CA ALA A 151 29.43 19.51 -2.07
C ALA A 151 29.71 19.74 -0.56
N VAL A 152 30.92 20.21 -0.23
CA VAL A 152 31.44 20.30 1.17
C VAL A 152 31.91 21.75 1.32
N SER A 153 31.61 22.38 2.43
CA SER A 153 32.17 23.74 2.67
C SER A 153 32.72 23.64 4.09
N ILE A 154 33.96 24.01 4.33
CA ILE A 154 34.43 23.82 5.70
C ILE A 154 34.67 25.11 6.54
N ASP A 155 35.25 26.13 5.93
CA ASP A 155 35.17 27.42 6.54
C ASP A 155 35.37 28.40 5.40
N GLY A 156 34.29 28.56 4.66
CA GLY A 156 34.20 29.47 3.53
C GLY A 156 34.93 28.92 2.33
N HIS A 157 35.45 27.69 2.44
CA HIS A 157 36.05 27.03 1.26
C HIS A 157 35.21 25.81 0.77
N TYR A 158 34.88 25.77 -0.52
CA TYR A 158 34.24 24.61 -1.18
C TYR A 158 35.19 23.48 -1.54
N ILE A 159 34.80 22.27 -1.17
CA ILE A 159 35.50 21.00 -1.47
C ILE A 159 34.57 20.10 -2.30
N ASP A 160 35.11 19.49 -3.34
CA ASP A 160 34.46 18.37 -4.00
C ASP A 160 34.42 17.12 -3.15
N SER A 161 33.39 16.36 -3.38
CA SER A 161 33.28 15.08 -2.69
C SER A 161 33.22 13.99 -3.79
N LEU A 162 33.79 12.84 -3.54
CA LEU A 162 33.72 11.69 -4.46
C LEU A 162 32.84 10.68 -3.86
N ASN A 163 31.95 10.17 -4.69
CA ASN A 163 31.09 9.05 -4.23
C ASN A 163 31.64 7.77 -4.70
N MSE A 164 31.62 6.77 -3.85
CA MSE A 164 32.24 5.49 -4.18
C MSE A 164 31.31 4.46 -3.59
O MSE A 164 30.58 4.76 -2.67
CB MSE A 164 33.63 5.40 -3.56
CG MSE A 164 34.61 6.61 -4.03
SE MSE A 164 36.37 6.12 -3.26
CE MSE A 164 36.83 4.60 -4.57
N ALA A 165 31.35 3.24 -4.12
CA ALA A 165 30.53 2.16 -3.62
C ALA A 165 31.15 0.76 -3.91
N ILE A 166 30.77 -0.19 -3.07
CA ILE A 166 31.10 -1.59 -3.31
C ILE A 166 29.84 -2.41 -3.37
N ILE A 167 29.79 -3.40 -4.26
CA ILE A 167 28.62 -4.28 -4.36
C ILE A 167 29.10 -5.70 -4.05
N PHE A 168 28.45 -6.38 -3.07
CA PHE A 168 28.89 -7.74 -2.71
C PHE A 168 28.39 -8.70 -3.79
N GLY A 169 29.34 -9.50 -4.23
CA GLY A 169 29.09 -10.59 -5.14
C GLY A 169 29.24 -11.81 -4.28
N THR B 7 -7.27 25.01 -14.72
CA THR B 7 -6.11 25.92 -14.56
C THR B 7 -5.45 25.58 -13.23
N VAL B 8 -4.12 25.49 -13.30
CA VAL B 8 -3.25 25.13 -12.18
C VAL B 8 -2.62 26.41 -11.60
N THR B 9 -2.65 26.55 -10.29
CA THR B 9 -1.88 27.58 -9.65
C THR B 9 -0.67 26.99 -8.85
N ILE B 10 0.45 27.65 -8.89
CA ILE B 10 1.58 27.16 -8.15
C ILE B 10 1.78 28.10 -6.99
N LYS B 11 1.91 27.56 -5.78
CA LYS B 11 2.12 28.43 -4.68
C LYS B 11 2.84 27.73 -3.55
N PRO B 12 3.38 28.53 -2.59
CA PRO B 12 4.02 27.94 -1.45
C PRO B 12 3.07 27.09 -0.64
N ILE B 13 3.55 25.96 -0.21
CA ILE B 13 2.73 25.11 0.59
C ILE B 13 2.28 25.75 1.93
N ARG B 14 1.04 25.50 2.36
CA ARG B 14 0.61 25.93 3.67
C ARG B 14 0.07 24.71 4.39
N ALA B 15 0.14 24.75 5.73
CA ALA B 15 -0.63 23.84 6.59
C ALA B 15 -2.00 23.44 6.05
N GLU B 16 -2.70 24.35 5.38
CA GLU B 16 -4.06 24.01 4.79
C GLU B 16 -3.97 22.84 3.78
N HIS B 17 -2.84 22.75 3.10
CA HIS B 17 -2.64 21.80 2.03
C HIS B 17 -2.25 20.37 2.47
N VAL B 18 -1.86 20.13 3.72
CA VAL B 18 -1.18 18.90 4.11
C VAL B 18 -1.95 17.62 3.74
N GLU B 19 -3.20 17.55 4.14
CA GLU B 19 -3.98 16.38 3.80
C GLU B 19 -4.03 16.06 2.29
N SER B 20 -4.29 17.05 1.44
CA SER B 20 -4.30 16.82 -0.02
C SER B 20 -2.89 16.44 -0.63
N PHE B 21 -1.83 17.03 -0.11
CA PHE B 21 -0.47 16.68 -0.41
C PHE B 21 -0.10 15.22 -0.09
N HIS B 22 -0.36 14.79 1.13
CA HIS B 22 -0.37 13.37 1.47
C HIS B 22 -1.05 12.51 0.41
N ARG B 23 -2.24 12.90 -0.07
CA ARG B 23 -2.90 12.12 -1.14
C ARG B 23 -2.19 12.08 -2.48
N ALA B 24 -1.59 13.21 -2.89
CA ALA B 24 -0.85 13.29 -4.15
C ALA B 24 0.42 12.42 -4.04
N LEU B 25 1.12 12.52 -2.92
CA LEU B 25 2.35 11.80 -2.62
C LEU B 25 2.15 10.28 -2.56
N ASP B 26 1.10 9.88 -1.84
CA ASP B 26 0.69 8.54 -1.74
C ASP B 26 0.36 7.94 -3.11
N ALA B 27 -0.40 8.65 -3.93
CA ALA B 27 -0.74 8.18 -5.28
C ALA B 27 0.47 8.03 -6.19
N VAL B 28 1.39 8.99 -6.15
CA VAL B 28 2.65 8.86 -6.94
C VAL B 28 3.52 7.72 -6.38
N SER B 29 3.60 7.60 -5.06
CA SER B 29 4.45 6.52 -4.47
C SER B 29 3.95 5.14 -4.94
N ARG B 30 2.62 5.04 -5.08
CA ARG B 30 1.98 3.76 -5.31
C ARG B 30 2.19 3.21 -6.69
N GLU B 31 2.55 4.09 -7.62
CA GLU B 31 2.96 3.68 -8.95
C GLU B 31 4.25 2.89 -8.95
N ARG B 32 5.10 3.11 -7.95
CA ARG B 32 6.27 2.25 -7.70
C ARG B 32 7.27 2.19 -8.86
N LYS B 33 7.40 3.25 -9.62
CA LYS B 33 8.45 3.23 -10.59
C LYS B 33 9.21 4.59 -10.59
N TYR B 34 8.83 5.53 -9.72
CA TYR B 34 9.47 6.87 -9.73
C TYR B 34 10.13 7.28 -8.42
N LEU B 35 9.43 7.11 -7.30
CA LEU B 35 9.88 7.62 -6.02
C LEU B 35 10.51 6.52 -5.25
N SER B 36 11.29 6.93 -4.25
CA SER B 36 11.94 6.03 -3.36
C SER B 36 10.99 5.45 -2.36
N PHE B 37 9.85 6.04 -2.17
CA PHE B 37 8.89 5.34 -1.38
C PHE B 37 7.80 4.61 -2.19
N LEU B 38 7.21 3.61 -1.54
CA LEU B 38 6.21 2.72 -2.16
C LEU B 38 4.80 3.09 -1.76
N GLU B 39 4.70 3.88 -0.70
CA GLU B 39 3.42 4.42 -0.17
C GLU B 39 3.83 5.77 0.48
N ALA B 40 2.91 6.72 0.70
CA ALA B 40 3.32 7.91 1.44
C ALA B 40 3.58 7.47 2.85
N PRO B 41 4.37 8.25 3.60
CA PRO B 41 4.49 8.10 5.04
C PRO B 41 3.13 8.40 5.66
N PRO B 42 2.90 8.01 6.92
CA PRO B 42 1.55 8.23 7.43
C PRO B 42 1.24 9.75 7.52
N LEU B 43 -0.04 10.09 7.51
CA LEU B 43 -0.48 11.48 7.49
C LEU B 43 0.23 12.34 8.51
N GLU B 44 0.47 11.74 9.67
CA GLU B 44 1.00 12.45 10.81
C GLU B 44 2.47 12.80 10.68
N ALA B 45 3.30 11.89 10.18
CA ALA B 45 4.68 12.23 9.78
C ALA B 45 4.75 13.37 8.72
N VAL B 46 3.84 13.33 7.75
CA VAL B 46 3.88 14.27 6.59
C VAL B 46 3.53 15.69 7.10
N ARG B 47 2.69 15.77 8.12
CA ARG B 47 2.33 17.03 8.77
C ARG B 47 3.49 17.68 9.50
N ALA B 48 4.13 16.93 10.40
CA ALA B 48 5.30 17.42 11.15
C ALA B 48 6.37 18.01 10.22
N PHE B 49 6.75 17.20 9.24
CA PHE B 49 7.60 17.59 8.10
C PHE B 49 7.16 18.86 7.33
N VAL B 50 5.93 18.93 6.87
CA VAL B 50 5.50 20.15 6.14
C VAL B 50 5.60 21.42 7.03
N LEU B 51 5.19 21.28 8.28
CA LEU B 51 5.21 22.42 9.19
C LEU B 51 6.63 22.75 9.61
N ASP B 52 7.49 21.73 9.74
CA ASP B 52 8.96 21.88 9.92
C ASP B 52 9.48 22.75 8.78
N MSE B 53 9.16 22.39 7.54
CA MSE B 53 9.59 23.12 6.33
C MSE B 53 9.10 24.56 6.29
O MSE B 53 9.86 25.47 6.04
CB MSE B 53 9.09 22.40 5.06
CG MSE B 53 9.56 21.02 4.93
SE MSE B 53 11.33 20.89 4.03
CE MSE B 53 10.82 21.57 2.16
N ILE B 54 7.80 24.72 6.50
CA ILE B 54 7.19 26.03 6.61
C ILE B 54 7.94 26.90 7.65
N GLU B 55 8.08 26.41 8.88
CA GLU B 55 8.80 27.10 9.94
C GLU B 55 10.15 27.64 9.52
N ASN B 56 10.96 26.76 8.94
CA ASN B 56 12.37 27.05 8.59
C ASN B 56 12.52 27.77 7.29
N ASP B 57 11.39 28.04 6.65
CA ASP B 57 11.39 28.79 5.42
C ASP B 57 12.10 28.04 4.30
N HIS B 58 11.96 26.70 4.25
CA HIS B 58 12.62 25.86 3.22
C HIS B 58 11.70 25.84 1.95
N PRO B 59 12.26 25.88 0.72
CA PRO B 59 11.39 26.00 -0.53
C PRO B 59 10.48 24.76 -0.74
N GLN B 60 9.15 24.96 -0.76
CA GLN B 60 8.23 23.84 -0.81
C GLN B 60 6.96 24.30 -1.50
N PHE B 61 6.76 23.89 -2.75
CA PHE B 61 5.69 24.46 -3.62
C PHE B 61 4.76 23.35 -4.02
N VAL B 62 3.49 23.71 -4.05
CA VAL B 62 2.44 22.83 -4.55
C VAL B 62 1.76 23.42 -5.76
N ALA B 63 1.28 22.55 -6.63
CA ALA B 63 0.54 22.96 -7.80
C ALA B 63 -0.89 22.56 -7.49
N ILE B 64 -1.80 23.50 -7.62
CA ILE B 64 -3.15 23.32 -7.17
C ILE B 64 -4.12 23.48 -8.34
N ALA B 65 -4.99 22.49 -8.51
CA ALA B 65 -6.09 22.60 -9.47
C ALA B 65 -7.34 22.13 -8.73
N ASP B 66 -8.30 23.05 -8.54
CA ASP B 66 -9.61 22.80 -7.87
C ASP B 66 -9.52 22.66 -6.37
N GLY B 67 -8.77 23.56 -5.75
CA GLY B 67 -8.35 23.35 -4.38
C GLY B 67 -7.79 21.96 -4.04
N ASP B 68 -7.32 21.20 -5.03
CA ASP B 68 -6.58 19.93 -4.74
C ASP B 68 -5.11 20.07 -5.22
N VAL B 69 -4.15 19.56 -4.43
CA VAL B 69 -2.72 19.52 -4.78
C VAL B 69 -2.59 18.47 -5.87
N ILE B 70 -2.15 18.87 -7.05
CA ILE B 70 -1.82 17.88 -8.09
C ILE B 70 -0.32 17.69 -8.44
N GLY B 71 0.56 18.40 -7.71
CA GLY B 71 2.02 18.33 -7.89
C GLY B 71 2.69 19.08 -6.75
N TRP B 72 3.98 18.79 -6.56
CA TRP B 72 4.75 19.37 -5.50
C TRP B 72 6.18 19.40 -5.95
N CYS B 73 6.95 20.30 -5.35
CA CYS B 73 8.38 20.41 -5.60
C CYS B 73 8.95 20.96 -4.32
N ASP B 74 10.01 20.37 -3.81
CA ASP B 74 10.59 20.91 -2.61
C ASP B 74 12.11 20.71 -2.59
N ILE B 75 12.79 21.55 -1.82
CA ILE B 75 14.22 21.49 -1.56
C ILE B 75 14.41 21.48 -0.07
N ARG B 76 14.93 20.39 0.47
CA ARG B 76 15.25 20.30 1.85
C ARG B 76 16.76 20.61 1.96
N ARG B 77 17.10 21.69 2.67
CA ARG B 77 18.45 22.04 3.10
C ARG B 77 19.09 20.96 3.97
N GLN B 78 20.37 20.65 3.76
CA GLN B 78 21.08 19.71 4.67
C GLN B 78 21.33 20.25 6.08
N ASP B 79 21.20 19.35 7.06
CA ASP B 79 21.34 19.67 8.50
C ASP B 79 22.77 20.07 8.84
N ARG B 80 23.61 19.04 8.80
CA ARG B 80 25.07 19.05 8.88
C ARG B 80 25.79 20.32 8.36
N ALA B 81 26.54 20.97 9.24
CA ALA B 81 27.18 22.24 8.97
C ALA B 81 28.05 22.33 7.69
N THR B 82 28.78 21.23 7.37
CA THR B 82 29.62 21.18 6.16
C THR B 82 28.79 21.08 4.82
N ARG B 83 27.52 20.78 4.98
CA ARG B 83 26.59 20.53 3.92
C ARG B 83 25.43 21.53 3.82
N ALA B 84 25.33 22.46 4.75
CA ALA B 84 24.20 23.40 4.83
C ALA B 84 24.05 24.40 3.68
N HIS B 85 25.08 24.56 2.82
CA HIS B 85 24.96 25.29 1.53
C HIS B 85 24.25 24.46 0.41
N CYS B 86 23.84 23.19 0.72
CA CYS B 86 23.22 22.32 -0.28
C CYS B 86 21.83 21.97 0.11
N GLY B 87 20.98 21.71 -0.89
CA GLY B 87 19.66 21.17 -0.68
C GLY B 87 19.34 19.97 -1.62
N THR B 88 18.38 19.15 -1.24
CA THR B 88 17.97 17.97 -1.98
C THR B 88 16.59 18.20 -2.53
N LEU B 89 16.49 18.12 -3.83
CA LEU B 89 15.21 18.34 -4.48
C LEU B 89 14.36 17.08 -4.55
N GLY B 90 13.06 17.18 -4.30
CA GLY B 90 12.12 16.10 -4.66
C GLY B 90 10.92 16.71 -5.32
N MSE B 91 10.29 15.99 -6.25
CA MSE B 91 9.07 16.47 -6.89
C MSE B 91 8.17 15.42 -7.47
O MSE B 91 8.58 14.27 -7.68
CB MSE B 91 9.41 17.44 -8.00
CG MSE B 91 10.07 16.83 -9.19
SE MSE B 91 10.59 18.28 -10.44
CE MSE B 91 8.88 19.25 -10.62
N GLY B 92 6.95 15.79 -7.77
CA GLY B 92 6.06 14.80 -8.36
C GLY B 92 4.80 15.43 -8.80
N ILE B 93 4.18 14.80 -9.78
CA ILE B 93 2.94 15.33 -10.45
C ILE B 93 2.03 14.18 -10.69
N LEU B 94 0.73 14.36 -10.45
CA LEU B 94 -0.29 13.30 -10.67
C LEU B 94 -0.30 13.02 -12.15
N PRO B 95 -0.63 11.80 -12.56
CA PRO B 95 -0.55 11.42 -13.98
C PRO B 95 -1.22 12.29 -15.04
N ALA B 96 -2.46 12.75 -14.80
CA ALA B 96 -3.16 13.62 -15.71
C ALA B 96 -2.43 14.89 -16.04
N TYR B 97 -1.53 15.34 -15.17
CA TYR B 97 -0.88 16.67 -15.32
C TYR B 97 0.53 16.66 -15.87
N ARG B 98 1.08 15.48 -16.12
CA ARG B 98 2.43 15.29 -16.57
C ARG B 98 2.61 15.66 -18.03
N ASN B 99 3.88 15.94 -18.37
CA ASN B 99 4.28 16.20 -19.74
C ASN B 99 3.61 17.40 -20.42
N LYS B 100 3.28 18.45 -19.66
CA LYS B 100 2.62 19.64 -20.25
C LYS B 100 3.26 20.89 -19.66
N GLY B 101 4.50 20.74 -19.21
CA GLY B 101 5.33 21.86 -18.91
C GLY B 101 5.18 22.24 -17.48
N LEU B 102 4.41 21.53 -16.65
CA LEU B 102 4.22 22.00 -15.29
C LEU B 102 5.42 21.70 -14.37
N GLY B 103 6.11 20.59 -14.59
CA GLY B 103 7.31 20.27 -13.81
C GLY B 103 8.39 21.31 -14.06
N ALA B 104 8.54 21.76 -15.28
CA ALA B 104 9.42 22.91 -15.57
C ALA B 104 9.08 24.16 -14.70
N ARG B 105 7.82 24.61 -14.72
CA ARG B 105 7.35 25.78 -13.96
C ARG B 105 7.52 25.61 -12.47
N LEU B 106 7.17 24.43 -11.98
CA LEU B 106 7.28 24.15 -10.56
C LEU B 106 8.72 24.17 -10.17
N MSE B 107 9.52 23.58 -11.01
CA MSE B 107 10.90 23.47 -10.70
C MSE B 107 11.57 24.86 -10.77
O MSE B 107 12.38 25.17 -9.94
CB MSE B 107 11.50 22.39 -11.60
CG MSE B 107 12.92 22.38 -11.66
SE MSE B 107 13.36 20.44 -12.18
CE MSE B 107 13.16 20.59 -13.93
N ARG B 108 11.17 25.73 -11.67
CA ARG B 108 11.72 27.08 -11.63
C ARG B 108 11.32 27.90 -10.41
N ARG B 109 10.09 27.83 -9.98
CA ARG B 109 9.77 28.49 -8.73
C ARG B 109 10.65 28.00 -7.58
N THR B 110 10.86 26.68 -7.50
CA THR B 110 11.51 26.15 -6.30
C THR B 110 12.97 26.53 -6.29
N LEU B 111 13.57 26.53 -7.48
CA LEU B 111 14.94 26.93 -7.65
C LEU B 111 15.16 28.36 -7.32
N ASP B 112 14.34 29.25 -7.88
CA ASP B 112 14.36 30.65 -7.55
C ASP B 112 14.25 30.92 -6.02
N ALA B 113 13.33 30.25 -5.33
CA ALA B 113 13.29 30.34 -3.85
C ALA B 113 14.57 29.81 -3.12
N ALA B 114 15.14 28.67 -3.57
CA ALA B 114 16.42 28.15 -3.01
C ALA B 114 17.59 29.10 -3.28
N HIS B 115 17.62 29.73 -4.41
CA HIS B 115 18.66 30.68 -4.69
C HIS B 115 18.48 32.01 -3.83
N GLU B 116 17.28 32.54 -3.78
CA GLU B 116 16.85 33.55 -2.81
C GLU B 116 17.20 33.23 -1.34
N PHE B 117 16.95 32.00 -0.90
CA PHE B 117 17.26 31.55 0.45
C PHE B 117 18.80 31.54 0.73
N GLY B 118 19.60 31.45 -0.33
CA GLY B 118 21.04 31.52 -0.25
C GLY B 118 21.74 30.17 -0.39
N LEU B 119 21.06 29.13 -0.85
CA LEU B 119 21.77 27.86 -1.13
C LEU B 119 22.69 28.03 -2.34
N HIS B 120 23.76 27.28 -2.37
CA HIS B 120 24.73 27.24 -3.46
C HIS B 120 24.50 26.07 -4.41
N ARG B 121 23.97 24.94 -3.88
CA ARG B 121 24.01 23.72 -4.61
C ARG B 121 22.75 22.93 -4.38
N ILE B 122 22.07 22.58 -5.48
CA ILE B 122 20.90 21.73 -5.36
C ILE B 122 21.22 20.33 -5.99
N GLU B 123 20.94 19.27 -5.27
CA GLU B 123 21.21 17.93 -5.78
C GLU B 123 19.94 17.09 -5.82
N LEU B 124 19.92 16.17 -6.75
CA LEU B 124 18.86 15.16 -6.78
C LEU B 124 19.41 13.82 -7.22
N SER B 125 18.52 12.84 -7.13
CA SER B 125 18.74 11.43 -7.41
C SER B 125 17.53 11.05 -8.25
N VAL B 126 17.69 10.27 -9.32
CA VAL B 126 16.58 9.94 -10.24
C VAL B 126 16.93 8.53 -10.71
N HIS B 127 15.96 7.65 -10.78
CA HIS B 127 16.12 6.36 -11.38
C HIS B 127 16.58 6.45 -12.80
N ALA B 128 17.49 5.53 -13.16
CA ALA B 128 18.18 5.65 -14.43
C ALA B 128 17.20 5.35 -15.57
N ASP B 129 16.09 4.67 -15.26
CA ASP B 129 15.10 4.37 -16.24
C ASP B 129 14.01 5.49 -16.40
N ASN B 130 14.10 6.54 -15.57
CA ASN B 130 13.04 7.60 -15.54
C ASN B 130 13.37 8.70 -16.61
N ALA B 131 13.21 8.35 -17.89
CA ALA B 131 13.62 9.18 -19.01
C ALA B 131 12.93 10.57 -19.09
N ARG B 132 11.65 10.66 -18.71
CA ARG B 132 10.96 11.94 -18.66
C ARG B 132 11.47 12.89 -17.56
N ALA B 133 11.60 12.41 -16.34
CA ALA B 133 12.31 13.15 -15.26
C ALA B 133 13.70 13.52 -15.74
N ILE B 134 14.49 12.55 -16.26
CA ILE B 134 15.86 12.93 -16.69
C ILE B 134 15.89 14.09 -17.76
N ALA B 135 15.06 13.97 -18.81
CA ALA B 135 14.83 15.03 -19.81
C ALA B 135 14.46 16.37 -19.20
N LEU B 136 13.54 16.40 -18.23
CA LEU B 136 13.30 17.67 -17.58
C LEU B 136 14.51 18.23 -16.87
N TYR B 137 15.21 17.39 -16.10
CA TYR B 137 16.33 17.87 -15.31
C TYR B 137 17.44 18.42 -16.21
N GLU B 138 17.78 17.72 -17.30
CA GLU B 138 18.73 18.21 -18.29
C GLU B 138 18.28 19.55 -18.91
N LYS B 139 17.02 19.67 -19.26
CA LYS B 139 16.53 20.95 -19.82
C LYS B 139 16.67 22.11 -18.84
N ILE B 140 16.26 21.88 -17.61
CA ILE B 140 16.44 22.89 -16.59
C ILE B 140 17.93 23.34 -16.37
N GLY B 141 18.93 22.48 -16.63
CA GLY B 141 20.34 22.83 -16.39
C GLY B 141 21.04 21.94 -15.34
N PHE B 142 20.40 20.89 -14.78
CA PHE B 142 21.15 19.95 -13.90
C PHE B 142 22.22 19.18 -14.72
N ALA B 143 23.33 18.85 -14.11
CA ALA B 143 24.45 18.16 -14.79
C ALA B 143 24.50 16.75 -14.20
N HIS B 144 24.86 15.76 -15.00
CA HIS B 144 25.08 14.45 -14.48
C HIS B 144 26.37 14.42 -13.63
N GLU B 145 26.29 13.85 -12.45
CA GLU B 145 27.49 13.73 -11.60
C GLU B 145 27.82 12.24 -11.32
N GLY B 146 27.06 11.29 -11.81
CA GLY B 146 27.48 9.86 -11.61
C GLY B 146 26.29 8.95 -11.41
N ARG B 147 26.57 7.72 -11.07
CA ARG B 147 25.55 6.72 -11.10
C ARG B 147 25.76 5.77 -9.90
N ALA B 148 24.74 5.65 -9.05
CA ALA B 148 24.80 4.69 -7.94
C ALA B 148 24.24 3.30 -8.39
N ARG B 149 25.10 2.32 -8.67
CA ARG B 149 24.72 0.99 -9.13
C ARG B 149 23.84 0.30 -8.12
N ASP B 150 22.65 -0.14 -8.56
CA ASP B 150 21.82 -1.04 -7.72
C ASP B 150 21.42 -0.28 -6.42
N ALA B 151 21.25 1.02 -6.55
CA ALA B 151 20.93 1.88 -5.37
C ALA B 151 19.53 1.59 -4.86
N VAL B 152 18.64 1.15 -5.77
CA VAL B 152 17.19 0.96 -5.45
C VAL B 152 16.73 -0.43 -5.76
N SER B 153 15.98 -1.00 -4.84
CA SER B 153 15.43 -2.33 -5.02
C SER B 153 13.92 -2.17 -4.91
N ILE B 154 13.19 -2.38 -6.00
CA ILE B 154 11.72 -2.21 -5.97
C ILE B 154 10.95 -3.51 -6.06
N ASP B 155 11.14 -4.31 -7.09
CA ASP B 155 10.28 -5.57 -6.97
C ASP B 155 11.07 -6.80 -7.05
N GLY B 156 12.00 -7.01 -6.14
CA GLY B 156 13.07 -7.96 -6.39
C GLY B 156 14.02 -7.51 -7.48
N HIS B 157 13.81 -6.32 -8.08
CA HIS B 157 14.73 -5.78 -9.11
C HIS B 157 15.60 -4.59 -8.62
N TYR B 158 16.86 -4.52 -9.07
CA TYR B 158 17.77 -3.42 -8.67
C TYR B 158 17.69 -2.36 -9.71
N ILE B 159 17.60 -1.09 -9.33
CA ILE B 159 17.60 0.04 -10.27
C ILE B 159 18.77 0.93 -9.88
N ASP B 160 19.54 1.42 -10.86
CA ASP B 160 20.49 2.46 -10.63
C ASP B 160 19.84 3.78 -10.48
N SER B 161 20.52 4.65 -9.77
CA SER B 161 20.14 6.03 -9.61
C SER B 161 21.23 6.88 -10.16
N LEU B 162 20.79 7.91 -10.86
CA LEU B 162 21.66 8.89 -11.44
C LEU B 162 21.67 10.03 -10.47
N ASN B 163 22.85 10.53 -10.10
CA ASN B 163 22.98 11.75 -9.30
C ASN B 163 23.18 12.95 -10.17
N MSE B 164 22.53 14.07 -9.85
CA MSE B 164 22.59 15.21 -10.75
C MSE B 164 22.66 16.42 -9.86
O MSE B 164 22.24 16.35 -8.72
CB MSE B 164 21.33 15.30 -11.59
CG MSE B 164 21.17 14.03 -12.48
SE MSE B 164 19.73 14.36 -13.87
CE MSE B 164 20.62 15.73 -15.17
N ALA B 165 23.14 17.56 -10.37
CA ALA B 165 23.26 18.69 -9.50
C ALA B 165 23.29 19.95 -10.23
N ILE B 166 22.92 21.01 -9.58
CA ILE B 166 22.98 22.28 -10.21
C ILE B 166 23.60 23.21 -9.17
N ILE B 167 24.34 24.18 -9.63
CA ILE B 167 25.14 25.10 -8.74
C ILE B 167 24.80 26.49 -9.14
N PHE B 168 24.34 27.28 -8.19
CA PHE B 168 23.93 28.64 -8.56
C PHE B 168 25.07 29.58 -8.90
N GLY B 169 24.85 30.32 -9.97
CA GLY B 169 25.81 31.36 -10.36
C GLY B 169 25.49 32.70 -9.74
N ASP C 6 9.64 -5.38 15.63
CA ASP C 6 9.78 -6.19 16.89
C ASP C 6 8.40 -6.62 17.43
N THR C 7 8.40 -7.72 18.21
CA THR C 7 7.20 -8.42 18.69
C THR C 7 5.84 -8.00 18.08
N VAL C 8 5.63 -8.34 16.81
CA VAL C 8 4.27 -8.56 16.36
C VAL C 8 3.86 -10.02 16.66
N THR C 9 2.75 -10.17 17.40
CA THR C 9 2.18 -11.49 17.69
C THR C 9 0.82 -11.65 16.97
N ILE C 10 0.68 -12.79 16.28
CA ILE C 10 -0.53 -13.19 15.58
C ILE C 10 -1.38 -14.15 16.48
N LYS C 11 -2.60 -13.79 16.80
CA LYS C 11 -3.41 -14.70 17.58
C LYS C 11 -4.89 -14.70 17.15
N PRO C 12 -5.61 -15.79 17.46
CA PRO C 12 -7.07 -15.76 17.20
C PRO C 12 -7.71 -14.58 17.97
N ILE C 13 -8.63 -13.85 17.36
CA ILE C 13 -9.34 -12.74 18.05
C ILE C 13 -10.17 -13.25 19.22
N ARG C 14 -10.32 -12.46 20.28
CA ARG C 14 -11.04 -12.80 21.52
C ARG C 14 -11.89 -11.61 21.62
N ALA C 15 -12.98 -11.70 22.35
CA ALA C 15 -13.85 -10.53 22.56
C ALA C 15 -13.13 -9.32 23.16
N GLU C 16 -12.11 -9.54 24.00
CA GLU C 16 -11.37 -8.44 24.63
C GLU C 16 -10.52 -7.59 23.62
N HIS C 17 -10.58 -7.92 22.33
CA HIS C 17 -9.77 -7.33 21.28
C HIS C 17 -10.67 -6.43 20.48
N VAL C 18 -11.97 -6.51 20.70
CA VAL C 18 -12.94 -5.84 19.85
C VAL C 18 -12.81 -4.33 19.71
N GLU C 19 -12.51 -3.63 20.80
CA GLU C 19 -12.34 -2.20 20.77
C GLU C 19 -11.09 -1.80 19.99
N SER C 20 -9.99 -2.47 20.25
CA SER C 20 -8.77 -2.27 19.46
C SER C 20 -8.93 -2.61 17.96
N PHE C 21 -9.62 -3.72 17.63
CA PHE C 21 -9.90 -4.05 16.23
C PHE C 21 -10.78 -2.98 15.54
N HIS C 22 -11.72 -2.44 16.25
CA HIS C 22 -12.61 -1.47 15.67
C HIS C 22 -11.82 -0.19 15.31
N ARG C 23 -10.90 0.23 16.19
CA ARG C 23 -10.02 1.33 15.93
C ARG C 23 -9.16 1.07 14.69
N ALA C 24 -8.52 -0.13 14.58
CA ALA C 24 -7.79 -0.51 13.36
C ALA C 24 -8.71 -0.48 12.10
N LEU C 25 -9.89 -1.08 12.22
CA LEU C 25 -10.80 -1.11 11.12
C LEU C 25 -11.15 0.34 10.66
N ASP C 26 -11.32 1.21 11.65
CA ASP C 26 -11.78 2.57 11.40
C ASP C 26 -10.68 3.43 10.78
N ALA C 27 -9.43 3.33 11.30
CA ALA C 27 -8.23 3.93 10.69
C ALA C 27 -8.07 3.53 9.20
N VAL C 28 -8.16 2.25 8.85
CA VAL C 28 -7.87 1.80 7.49
C VAL C 28 -8.99 2.15 6.48
N SER C 29 -10.24 2.04 6.92
CA SER C 29 -11.41 2.44 6.10
C SER C 29 -11.42 3.92 5.80
N ARG C 30 -10.96 4.73 6.77
CA ARG C 30 -10.90 6.21 6.60
C ARG C 30 -9.78 6.76 5.73
N GLU C 31 -8.79 5.92 5.41
CA GLU C 31 -7.83 6.20 4.33
C GLU C 31 -8.68 5.73 3.22
N ARG C 32 -9.42 6.55 2.51
CA ARG C 32 -10.49 5.91 1.74
C ARG C 32 -9.95 5.34 0.37
N LYS C 33 -9.06 4.33 0.46
CA LYS C 33 -8.25 3.89 -0.68
C LYS C 33 -8.43 2.39 -0.99
N TYR C 34 -8.70 1.61 0.04
CA TYR C 34 -8.38 0.18 0.03
C TYR C 34 -9.61 -0.69 0.27
N LEU C 35 -10.41 -0.29 1.25
CA LEU C 35 -11.57 -1.05 1.72
C LEU C 35 -12.83 -0.44 1.12
N SER C 36 -13.90 -1.23 1.22
CA SER C 36 -15.16 -0.87 0.58
C SER C 36 -16.06 -0.16 1.58
N PHE C 37 -15.72 -0.14 2.88
CA PHE C 37 -16.24 0.98 3.70
C PHE C 37 -15.33 2.17 3.89
N LEU C 38 -16.01 3.30 4.08
CA LEU C 38 -15.41 4.61 4.34
C LEU C 38 -15.09 4.83 5.81
N GLU C 39 -15.77 4.11 6.69
CA GLU C 39 -15.52 4.13 8.14
C GLU C 39 -15.97 2.79 8.66
N ALA C 40 -15.37 2.32 9.74
CA ALA C 40 -15.87 1.20 10.55
C ALA C 40 -17.37 1.26 10.86
N PRO C 41 -18.06 0.09 10.88
CA PRO C 41 -19.41 0.06 11.45
C PRO C 41 -19.41 0.58 12.91
N PRO C 42 -20.58 0.93 13.48
CA PRO C 42 -20.68 1.13 14.92
C PRO C 42 -20.05 0.00 15.71
N LEU C 43 -19.49 0.34 16.87
CA LEU C 43 -18.71 -0.65 17.61
C LEU C 43 -19.58 -1.83 18.03
N GLU C 44 -20.86 -1.59 18.35
CA GLU C 44 -21.76 -2.67 18.73
C GLU C 44 -21.98 -3.64 17.59
N ALA C 45 -22.01 -3.13 16.36
CA ALA C 45 -22.08 -4.01 15.16
C ALA C 45 -20.81 -4.83 14.90
N VAL C 46 -19.66 -4.27 15.23
CA VAL C 46 -18.47 -5.09 15.11
C VAL C 46 -18.26 -5.99 16.28
N ARG C 47 -18.83 -5.67 17.44
CA ARG C 47 -18.82 -6.62 18.54
C ARG C 47 -19.71 -7.81 18.19
N ALA C 48 -20.94 -7.54 17.76
CA ALA C 48 -21.85 -8.60 17.36
C ALA C 48 -21.24 -9.49 16.24
N PHE C 49 -20.55 -8.92 15.24
CA PHE C 49 -19.87 -9.71 14.21
C PHE C 49 -18.69 -10.63 14.67
N VAL C 50 -17.73 -10.02 15.36
CA VAL C 50 -16.64 -10.71 16.05
C VAL C 50 -17.15 -11.87 16.99
N LEU C 51 -18.08 -11.61 17.88
CA LEU C 51 -18.67 -12.72 18.67
C LEU C 51 -19.28 -13.84 17.83
N ASP C 52 -20.00 -13.47 16.76
CA ASP C 52 -20.54 -14.47 15.85
C ASP C 52 -19.46 -15.33 15.15
N MSE C 53 -18.34 -14.73 14.79
CA MSE C 53 -17.23 -15.50 14.23
C MSE C 53 -16.62 -16.40 15.32
O MSE C 53 -16.22 -17.45 15.02
CB MSE C 53 -16.09 -14.58 13.83
CG MSE C 53 -16.52 -13.45 12.86
SE MSE C 53 -16.46 -14.18 11.08
CE MSE C 53 -14.46 -14.03 10.68
N ILE C 54 -16.39 -15.87 16.51
CA ILE C 54 -16.01 -16.72 17.71
C ILE C 54 -17.02 -17.83 17.96
N GLU C 55 -18.30 -17.49 18.00
CA GLU C 55 -19.34 -18.48 18.29
C GLU C 55 -19.22 -19.69 17.36
N ASN C 56 -18.95 -19.40 16.08
CA ASN C 56 -18.99 -20.40 15.04
C ASN C 56 -17.60 -20.85 14.63
N ASP C 57 -16.58 -20.37 15.34
CA ASP C 57 -15.19 -20.69 15.04
C ASP C 57 -14.75 -20.41 13.58
N HIS C 58 -15.18 -19.29 13.02
CA HIS C 58 -14.71 -18.85 11.70
C HIS C 58 -13.32 -18.32 11.85
N PRO C 59 -12.45 -18.56 10.84
CA PRO C 59 -11.05 -18.09 10.94
C PRO C 59 -10.94 -16.55 11.07
N GLN C 60 -10.40 -16.07 12.19
CA GLN C 60 -10.23 -14.63 12.41
C GLN C 60 -9.01 -14.37 13.36
N PHE C 61 -7.99 -13.71 12.83
CA PHE C 61 -6.74 -13.44 13.51
C PHE C 61 -6.48 -11.95 13.55
N VAL C 62 -5.80 -11.53 14.59
CA VAL C 62 -5.36 -10.18 14.79
C VAL C 62 -3.85 -10.24 14.94
N ALA C 63 -3.22 -9.15 14.52
CA ALA C 63 -1.85 -8.93 14.67
C ALA C 63 -1.73 -7.89 15.81
N ILE C 64 -0.99 -8.23 16.83
CA ILE C 64 -0.84 -7.38 17.98
C ILE C 64 0.60 -6.89 18.16
N ALA C 65 0.74 -5.60 18.38
CA ALA C 65 2.02 -5.01 18.82
C ALA C 65 1.73 -3.96 19.85
N ASP C 66 2.53 -3.95 20.92
CA ASP C 66 2.35 -2.95 22.01
C ASP C 66 0.92 -2.83 22.59
N GLY C 67 0.33 -3.97 22.94
CA GLY C 67 -1.08 -4.03 23.37
C GLY C 67 -2.09 -3.84 22.25
N ASP C 68 -1.72 -3.17 21.16
CA ASP C 68 -2.69 -2.78 20.10
C ASP C 68 -2.85 -3.81 18.96
N VAL C 69 -4.09 -4.05 18.56
CA VAL C 69 -4.37 -4.63 17.26
C VAL C 69 -3.89 -3.71 16.14
N ILE C 70 -2.99 -4.23 15.32
CA ILE C 70 -2.39 -3.47 14.20
C ILE C 70 -2.69 -4.06 12.81
N GLY C 71 -3.35 -5.22 12.77
CA GLY C 71 -3.63 -5.95 11.54
C GLY C 71 -4.65 -7.01 11.87
N TRP C 72 -5.54 -7.30 10.92
CA TRP C 72 -6.39 -8.47 11.00
C TRP C 72 -6.44 -9.21 9.68
N CYS C 73 -6.99 -10.42 9.76
CA CYS C 73 -7.24 -11.28 8.65
C CYS C 73 -8.40 -12.21 9.06
N ASP C 74 -9.47 -12.23 8.25
CA ASP C 74 -10.64 -13.02 8.60
C ASP C 74 -11.34 -13.64 7.40
N ILE C 75 -11.99 -14.79 7.64
CA ILE C 75 -12.66 -15.54 6.57
C ILE C 75 -14.02 -15.87 7.13
N ARG C 76 -15.03 -15.25 6.53
CA ARG C 76 -16.42 -15.49 6.83
C ARG C 76 -16.97 -16.56 5.90
N ARG C 77 -17.48 -17.62 6.50
CA ARG C 77 -18.18 -18.64 5.79
C ARG C 77 -19.49 -18.09 5.21
N GLN C 78 -19.83 -18.46 3.95
CA GLN C 78 -21.12 -18.05 3.39
C GLN C 78 -22.35 -18.75 4.04
N ASP C 79 -23.48 -18.07 3.98
CA ASP C 79 -24.67 -18.50 4.75
C ASP C 79 -25.55 -19.53 4.04
N ARG C 80 -25.86 -19.27 2.77
CA ARG C 80 -26.70 -20.17 1.92
C ARG C 80 -26.06 -21.56 1.87
N ALA C 81 -26.89 -22.62 1.96
CA ALA C 81 -26.36 -24.00 2.03
C ALA C 81 -25.58 -24.43 0.77
N THR C 82 -25.96 -23.88 -0.39
CA THR C 82 -25.22 -24.14 -1.62
C THR C 82 -23.82 -23.51 -1.74
N ARG C 83 -23.42 -22.69 -0.75
CA ARG C 83 -22.21 -21.86 -0.81
C ARG C 83 -21.43 -21.96 0.49
N ALA C 84 -21.84 -22.87 1.38
CA ALA C 84 -21.28 -22.94 2.74
C ALA C 84 -19.93 -23.61 2.74
N HIS C 85 -19.55 -24.22 1.61
CA HIS C 85 -18.16 -24.71 1.44
C HIS C 85 -17.15 -23.57 1.08
N CYS C 86 -17.65 -22.34 0.97
CA CYS C 86 -16.84 -21.15 0.54
C CYS C 86 -16.75 -20.16 1.65
N GLY C 87 -15.64 -19.40 1.67
CA GLY C 87 -15.49 -18.29 2.56
C GLY C 87 -15.00 -17.05 1.86
N THR C 88 -15.31 -15.90 2.45
CA THR C 88 -14.94 -14.62 1.93
C THR C 88 -13.83 -14.09 2.84
N LEU C 89 -12.69 -13.77 2.24
CA LEU C 89 -11.57 -13.21 2.96
C LEU C 89 -11.57 -11.66 3.00
N GLY C 90 -11.24 -11.11 4.16
CA GLY C 90 -11.02 -9.66 4.41
C GLY C 90 -9.78 -9.49 5.34
N MSE C 91 -9.06 -8.37 5.18
CA MSE C 91 -7.88 -8.06 5.95
C MSE C 91 -7.38 -6.62 5.74
O MSE C 91 -7.75 -5.93 4.80
CB MSE C 91 -6.76 -8.99 5.61
CG MSE C 91 -6.25 -8.71 4.23
SE MSE C 91 -4.84 -10.03 3.61
CE MSE C 91 -3.64 -10.11 5.34
N GLY C 92 -6.53 -6.20 6.65
CA GLY C 92 -6.12 -4.82 6.75
C GLY C 92 -4.99 -4.83 7.75
N ILE C 93 -4.12 -3.83 7.61
CA ILE C 93 -2.92 -3.65 8.40
C ILE C 93 -2.69 -2.11 8.52
N LEU C 94 -2.50 -1.60 9.74
CA LEU C 94 -2.25 -0.14 9.87
C LEU C 94 -1.04 0.30 9.08
N PRO C 95 -1.05 1.55 8.57
CA PRO C 95 0.05 1.95 7.67
C PRO C 95 1.49 1.63 8.18
N ALA C 96 1.76 1.88 9.45
CA ALA C 96 3.10 1.65 10.04
C ALA C 96 3.63 0.22 9.87
N TYR C 97 2.73 -0.78 9.72
CA TYR C 97 3.17 -2.17 9.75
C TYR C 97 3.14 -2.89 8.40
N ARG C 98 2.88 -2.10 7.36
CA ARG C 98 2.69 -2.58 5.98
C ARG C 98 4.02 -2.81 5.33
N ASN C 99 4.03 -3.50 4.18
CA ASN C 99 5.27 -3.69 3.38
C ASN C 99 6.43 -4.46 4.12
N LYS C 100 6.10 -5.24 5.12
CA LYS C 100 7.15 -5.91 5.92
C LYS C 100 6.86 -7.38 6.14
N GLY C 101 6.08 -7.96 5.23
CA GLY C 101 5.75 -9.39 5.25
C GLY C 101 4.76 -9.76 6.33
N LEU C 102 4.19 -8.76 7.03
CA LEU C 102 3.13 -9.07 8.00
C LEU C 102 1.85 -9.68 7.34
N GLY C 103 1.42 -9.06 6.25
CA GLY C 103 0.30 -9.62 5.46
C GLY C 103 0.39 -11.07 5.01
N ALA C 104 1.56 -11.49 4.51
CA ALA C 104 1.79 -12.90 4.10
C ALA C 104 1.56 -13.83 5.27
N ARG C 105 2.16 -13.49 6.42
CA ARG C 105 2.01 -14.19 7.67
C ARG C 105 0.57 -14.31 8.16
N LEU C 106 -0.14 -13.20 8.26
CA LEU C 106 -1.57 -13.25 8.65
C LEU C 106 -2.35 -14.17 7.74
N MSE C 107 -2.09 -14.05 6.44
CA MSE C 107 -2.85 -14.77 5.47
C MSE C 107 -2.56 -16.29 5.46
O MSE C 107 -3.47 -17.10 5.24
CB MSE C 107 -2.63 -14.16 4.08
CG MSE C 107 -3.70 -14.48 3.16
SE MSE C 107 -3.51 -13.26 1.56
CE MSE C 107 -2.20 -12.03 2.22
N ARG C 108 -1.31 -16.67 5.68
CA ARG C 108 -0.99 -18.09 5.73
C ARG C 108 -1.60 -18.76 6.97
N ARG C 109 -1.58 -18.06 8.10
CA ARG C 109 -2.33 -18.52 9.26
C ARG C 109 -3.87 -18.61 9.11
N THR C 110 -4.48 -17.61 8.46
CA THR C 110 -5.93 -17.64 8.22
C THR C 110 -6.34 -18.76 7.25
N LEU C 111 -5.60 -18.95 6.18
CA LEU C 111 -5.92 -19.98 5.23
C LEU C 111 -5.77 -21.36 5.86
N ASP C 112 -4.68 -21.61 6.63
CA ASP C 112 -4.52 -22.87 7.32
C ASP C 112 -5.70 -23.10 8.22
N ALA C 113 -6.10 -22.08 8.95
CA ALA C 113 -7.34 -22.33 9.72
C ALA C 113 -8.57 -22.55 8.82
N ALA C 114 -8.64 -21.93 7.65
CA ALA C 114 -9.82 -22.14 6.81
C ALA C 114 -9.84 -23.56 6.23
N HIS C 115 -8.67 -24.04 5.90
CA HIS C 115 -8.54 -25.36 5.37
C HIS C 115 -8.84 -26.43 6.43
N GLU C 116 -8.29 -26.24 7.63
CA GLU C 116 -8.66 -27.08 8.79
C GLU C 116 -10.16 -27.07 9.13
N PHE C 117 -10.78 -25.90 9.09
CA PHE C 117 -12.23 -25.76 9.19
C PHE C 117 -13.04 -26.69 8.20
N GLY C 118 -12.50 -26.94 7.01
CA GLY C 118 -13.14 -27.78 6.03
C GLY C 118 -13.64 -27.01 4.79
N LEU C 119 -13.30 -25.71 4.64
CA LEU C 119 -13.72 -24.95 3.46
C LEU C 119 -13.04 -25.47 2.23
N HIS C 120 -13.71 -25.39 1.08
CA HIS C 120 -13.15 -25.78 -0.19
C HIS C 120 -12.52 -24.60 -0.89
N ARG C 121 -13.15 -23.45 -0.72
CA ARG C 121 -12.95 -22.32 -1.60
C ARG C 121 -12.95 -21.03 -0.81
N ILE C 122 -11.91 -20.22 -1.02
CA ILE C 122 -11.83 -18.92 -0.41
C ILE C 122 -11.86 -17.91 -1.55
N GLU C 123 -12.73 -16.90 -1.46
CA GLU C 123 -12.80 -15.89 -2.48
C GLU C 123 -12.59 -14.56 -1.84
N LEU C 124 -12.17 -13.59 -2.65
CA LEU C 124 -12.02 -12.21 -2.15
C LEU C 124 -12.36 -11.23 -3.33
N SER C 125 -12.64 -9.98 -2.98
CA SER C 125 -12.77 -8.86 -3.98
C SER C 125 -11.71 -7.89 -3.60
N VAL C 126 -11.10 -7.21 -4.56
CA VAL C 126 -10.00 -6.27 -4.31
C VAL C 126 -10.07 -5.15 -5.38
N HIS C 127 -9.84 -3.91 -4.98
CA HIS C 127 -9.95 -2.83 -5.94
C HIS C 127 -8.95 -3.04 -7.07
N ALA C 128 -9.39 -2.71 -8.29
CA ALA C 128 -8.59 -3.04 -9.46
C ALA C 128 -7.28 -2.24 -9.33
N ASP C 129 -7.33 -1.06 -8.68
CA ASP C 129 -6.13 -0.23 -8.58
C ASP C 129 -5.25 -0.63 -7.38
N ASN C 130 -5.69 -1.61 -6.60
CA ASN C 130 -4.95 -1.96 -5.37
C ASN C 130 -3.79 -2.97 -5.66
N ALA C 131 -2.72 -2.44 -6.26
CA ALA C 131 -1.62 -3.27 -6.81
C ALA C 131 -0.86 -4.16 -5.82
N ARG C 132 -0.54 -3.60 -4.67
CA ARG C 132 0.13 -4.33 -3.59
C ARG C 132 -0.67 -5.56 -3.06
N ALA C 133 -1.96 -5.39 -2.80
CA ALA C 133 -2.81 -6.45 -2.33
C ALA C 133 -2.97 -7.54 -3.44
N ILE C 134 -3.05 -7.11 -4.71
CA ILE C 134 -3.11 -8.02 -5.85
C ILE C 134 -1.86 -8.87 -5.86
N ALA C 135 -0.70 -8.23 -5.88
CA ALA C 135 0.58 -8.97 -5.71
C ALA C 135 0.65 -9.95 -4.54
N LEU C 136 0.18 -9.58 -3.36
CA LEU C 136 0.26 -10.49 -2.25
C LEU C 136 -0.72 -11.70 -2.47
N TYR C 137 -1.88 -11.45 -3.08
CA TYR C 137 -2.85 -12.55 -3.27
C TYR C 137 -2.33 -13.54 -4.29
N GLU C 138 -1.75 -13.01 -5.39
CA GLU C 138 -1.13 -13.80 -6.46
C GLU C 138 0.00 -14.66 -5.91
N LYS C 139 0.90 -14.05 -5.16
CA LYS C 139 2.02 -14.75 -4.50
C LYS C 139 1.49 -15.93 -3.62
N ILE C 140 0.44 -15.68 -2.82
CA ILE C 140 -0.18 -16.70 -1.92
C ILE C 140 -0.87 -17.82 -2.75
N GLY C 141 -1.30 -17.52 -3.97
CA GLY C 141 -1.80 -18.55 -4.88
C GLY C 141 -3.21 -18.29 -5.36
N PHE C 142 -3.79 -17.16 -5.02
CA PHE C 142 -5.06 -16.76 -5.61
C PHE C 142 -4.98 -16.57 -7.14
N ALA C 143 -6.03 -17.04 -7.84
CA ALA C 143 -6.27 -16.85 -9.29
C ALA C 143 -7.34 -15.78 -9.56
N HIS C 144 -7.13 -14.99 -10.62
CA HIS C 144 -8.11 -14.07 -11.10
C HIS C 144 -9.35 -14.81 -11.68
N GLU C 145 -10.55 -14.40 -11.28
CA GLU C 145 -11.78 -14.99 -11.84
C GLU C 145 -12.68 -14.00 -12.57
N GLY C 146 -12.26 -12.76 -12.65
CA GLY C 146 -13.02 -11.77 -13.40
C GLY C 146 -13.04 -10.36 -12.76
N ARG C 147 -13.80 -9.50 -13.40
CA ARG C 147 -13.79 -8.06 -13.12
C ARG C 147 -15.23 -7.56 -12.99
N ALA C 148 -15.47 -6.89 -11.88
CA ALA C 148 -16.74 -6.25 -11.64
C ALA C 148 -16.57 -4.74 -11.95
N ARG C 149 -17.20 -4.26 -13.00
CA ARG C 149 -16.93 -2.92 -13.54
C ARG C 149 -17.77 -1.96 -12.72
N ASP C 150 -17.14 -0.84 -12.34
CA ASP C 150 -17.79 0.20 -11.59
C ASP C 150 -18.45 -0.28 -10.29
N ALA C 151 -17.93 -1.32 -9.66
CA ALA C 151 -18.48 -1.91 -8.43
C ALA C 151 -18.44 -1.00 -7.21
N VAL C 152 -17.49 -0.06 -7.21
CA VAL C 152 -17.22 0.79 -6.03
C VAL C 152 -17.27 2.21 -6.49
N SER C 153 -17.93 3.08 -5.74
CA SER C 153 -17.90 4.52 -6.00
C SER C 153 -17.31 5.20 -4.77
N ILE C 154 -16.21 5.91 -4.91
CA ILE C 154 -15.64 6.74 -3.81
C ILE C 154 -15.25 8.11 -4.30
N ASP C 155 -15.65 9.13 -3.54
CA ASP C 155 -15.37 10.55 -3.85
C ASP C 155 -15.63 10.88 -5.35
N GLY C 156 -16.77 10.44 -5.87
CA GLY C 156 -17.17 10.80 -7.22
C GLY C 156 -16.63 9.91 -8.33
N HIS C 157 -15.77 8.94 -7.99
CA HIS C 157 -15.15 8.06 -8.98
C HIS C 157 -15.63 6.64 -8.85
N TYR C 158 -16.07 6.04 -9.96
CA TYR C 158 -16.21 4.59 -10.01
C TYR C 158 -14.87 3.84 -10.09
N ILE C 159 -14.81 2.70 -9.41
CA ILE C 159 -13.63 1.84 -9.37
C ILE C 159 -14.09 0.40 -9.66
N ASP C 160 -13.28 -0.34 -10.44
CA ASP C 160 -13.52 -1.72 -10.65
C ASP C 160 -12.99 -2.55 -9.46
N SER C 161 -13.57 -3.70 -9.33
CA SER C 161 -13.24 -4.59 -8.32
C SER C 161 -12.78 -5.92 -9.03
N LEU C 162 -11.62 -6.46 -8.67
CA LEU C 162 -11.17 -7.78 -9.10
C LEU C 162 -11.62 -8.85 -8.10
N ASN C 163 -12.26 -9.91 -8.62
CA ASN C 163 -12.56 -11.18 -7.98
C ASN C 163 -11.42 -12.21 -8.14
N MSE C 164 -11.03 -12.83 -7.02
CA MSE C 164 -9.93 -13.81 -6.93
C MSE C 164 -10.30 -14.94 -5.94
O MSE C 164 -11.20 -14.80 -5.20
CB MSE C 164 -8.64 -13.16 -6.50
CG MSE C 164 -8.26 -11.99 -7.36
SE MSE C 164 -6.59 -11.20 -6.74
CE MSE C 164 -5.22 -12.53 -7.49
N ALA C 165 -9.66 -16.09 -6.00
CA ALA C 165 -10.18 -17.25 -5.32
C ALA C 165 -9.06 -18.23 -5.26
N ILE C 166 -8.99 -18.99 -4.18
CA ILE C 166 -8.08 -20.11 -4.10
C ILE C 166 -8.94 -21.32 -3.80
N ILE C 167 -8.56 -22.46 -4.39
CA ILE C 167 -9.21 -23.74 -4.09
C ILE C 167 -8.23 -24.66 -3.35
N PHE C 168 -8.56 -25.09 -2.12
CA PHE C 168 -7.68 -26.00 -1.42
C PHE C 168 -7.72 -27.40 -2.07
N GLY C 169 -6.58 -27.95 -2.44
CA GLY C 169 -6.49 -29.42 -2.76
C GLY C 169 -5.30 -29.92 -3.57
N THR D 7 -53.21 -14.60 -19.91
CA THR D 7 -52.90 -13.27 -19.37
C THR D 7 -52.08 -13.42 -18.10
N VAL D 8 -50.94 -12.75 -18.09
CA VAL D 8 -50.16 -12.68 -16.87
C VAL D 8 -49.80 -11.21 -16.65
N THR D 9 -50.26 -10.69 -15.52
CA THR D 9 -50.08 -9.29 -15.24
C THR D 9 -48.81 -9.13 -14.40
N ILE D 10 -47.85 -8.40 -14.96
CA ILE D 10 -46.71 -7.88 -14.25
C ILE D 10 -47.06 -6.58 -13.55
N LYS D 11 -46.79 -6.56 -12.23
CA LYS D 11 -47.17 -5.44 -11.35
C LYS D 11 -46.23 -5.38 -10.14
N PRO D 12 -46.10 -4.19 -9.51
CA PRO D 12 -45.23 -4.13 -8.32
C PRO D 12 -45.80 -4.97 -7.17
N ILE D 13 -44.93 -5.59 -6.37
CA ILE D 13 -45.36 -6.37 -5.19
C ILE D 13 -46.01 -5.46 -4.13
N ARG D 14 -47.07 -5.95 -3.50
CA ARG D 14 -47.69 -5.25 -2.38
C ARG D 14 -47.54 -6.24 -1.25
N ALA D 15 -47.68 -5.78 -0.02
CA ALA D 15 -47.69 -6.70 1.12
C ALA D 15 -48.87 -7.71 1.03
N GLU D 16 -49.83 -7.41 0.14
CA GLU D 16 -50.99 -8.28 -0.12
C GLU D 16 -50.57 -9.53 -0.90
N HIS D 17 -49.52 -9.40 -1.73
CA HIS D 17 -48.93 -10.51 -2.50
C HIS D 17 -48.06 -11.52 -1.75
N VAL D 18 -47.82 -11.35 -0.45
CA VAL D 18 -46.81 -12.16 0.28
C VAL D 18 -47.16 -13.67 0.50
N GLU D 19 -48.42 -13.97 0.77
CA GLU D 19 -48.93 -15.36 0.77
C GLU D 19 -48.68 -16.08 -0.58
N SER D 20 -49.10 -15.47 -1.70
CA SER D 20 -48.90 -16.04 -3.03
C SER D 20 -47.39 -16.22 -3.36
N PHE D 21 -46.62 -15.20 -2.98
CA PHE D 21 -45.19 -15.13 -3.21
C PHE D 21 -44.48 -16.26 -2.46
N HIS D 22 -44.98 -16.57 -1.26
CA HIS D 22 -44.44 -17.63 -0.42
C HIS D 22 -44.74 -18.98 -0.99
N ARG D 23 -45.91 -19.11 -1.61
CA ARG D 23 -46.32 -20.33 -2.29
C ARG D 23 -45.39 -20.59 -3.50
N ALA D 24 -44.96 -19.51 -4.15
CA ALA D 24 -44.07 -19.55 -5.27
C ALA D 24 -42.68 -19.84 -4.78
N LEU D 25 -42.23 -18.99 -3.84
CA LEU D 25 -40.83 -18.93 -3.43
C LEU D 25 -40.27 -20.24 -2.95
N ASP D 26 -41.13 -21.02 -2.30
CA ASP D 26 -40.73 -22.31 -1.78
C ASP D 26 -40.79 -23.37 -2.89
N ALA D 27 -41.95 -23.47 -3.56
CA ALA D 27 -42.13 -24.43 -4.66
C ALA D 27 -41.01 -24.36 -5.68
N VAL D 28 -40.28 -23.23 -5.73
CA VAL D 28 -39.09 -23.05 -6.61
C VAL D 28 -37.70 -23.37 -5.95
N SER D 29 -37.36 -22.71 -4.85
CA SER D 29 -36.16 -23.09 -4.04
C SER D 29 -36.08 -24.62 -3.80
N ARG D 30 -37.24 -25.22 -3.49
CA ARG D 30 -37.42 -26.68 -3.31
C ARG D 30 -36.85 -27.54 -4.45
N GLU D 31 -36.92 -27.01 -5.67
CA GLU D 31 -36.16 -27.58 -6.79
C GLU D 31 -34.69 -27.23 -6.58
N ARG D 32 -33.96 -28.09 -5.89
CA ARG D 32 -32.56 -27.84 -5.55
C ARG D 32 -31.66 -27.61 -6.79
N LYS D 33 -31.94 -26.59 -7.62
CA LYS D 33 -31.24 -26.41 -8.94
C LYS D 33 -31.12 -24.98 -9.60
N TYR D 34 -31.92 -24.01 -9.14
CA TYR D 34 -31.92 -22.66 -9.73
C TYR D 34 -31.34 -21.60 -8.79
N LEU D 35 -32.01 -21.43 -7.65
CA LEU D 35 -31.61 -20.48 -6.62
C LEU D 35 -30.53 -21.08 -5.69
N SER D 36 -29.90 -20.20 -4.92
CA SER D 36 -28.92 -20.56 -3.87
C SER D 36 -29.57 -20.83 -2.50
N PHE D 37 -30.90 -20.73 -2.45
CA PHE D 37 -31.72 -21.19 -1.31
C PHE D 37 -32.31 -22.59 -1.65
N LEU D 38 -32.21 -23.52 -0.69
CA LEU D 38 -32.77 -24.87 -0.85
C LEU D 38 -34.22 -24.99 -0.34
N GLU D 39 -34.67 -23.92 0.34
CA GLU D 39 -36.04 -23.76 0.84
C GLU D 39 -36.30 -22.27 1.08
N ALA D 40 -37.43 -21.98 1.75
CA ALA D 40 -37.64 -20.75 2.56
C ALA D 40 -36.29 -20.27 3.17
N PRO D 41 -36.24 -19.14 3.93
CA PRO D 41 -37.06 -18.22 4.78
C PRO D 41 -38.59 -18.45 5.01
N PRO D 42 -39.01 -18.78 6.28
CA PRO D 42 -40.44 -19.07 6.64
C PRO D 42 -41.43 -17.90 6.37
N LEU D 43 -42.75 -18.15 6.45
CA LEU D 43 -43.75 -17.12 6.02
C LEU D 43 -43.66 -15.74 6.69
N GLU D 44 -43.49 -15.67 8.00
CA GLU D 44 -43.19 -14.41 8.69
C GLU D 44 -41.86 -13.79 8.22
N ALA D 45 -40.88 -14.62 7.89
CA ALA D 45 -39.61 -14.15 7.35
C ALA D 45 -39.67 -13.60 5.92
N VAL D 46 -40.74 -13.89 5.17
CA VAL D 46 -40.92 -13.25 3.86
C VAL D 46 -41.71 -11.94 3.94
N ARG D 47 -42.69 -11.93 4.84
CA ARG D 47 -43.39 -10.70 5.29
C ARG D 47 -42.51 -9.77 6.13
N ALA D 48 -41.21 -10.03 6.10
CA ALA D 48 -40.22 -9.11 6.58
C ALA D 48 -39.52 -8.64 5.32
N PHE D 49 -39.00 -9.61 4.57
CA PHE D 49 -38.31 -9.45 3.30
C PHE D 49 -38.97 -8.35 2.39
N VAL D 50 -40.21 -8.66 1.97
CA VAL D 50 -40.98 -7.87 1.03
C VAL D 50 -41.30 -6.50 1.61
N LEU D 51 -41.96 -6.44 2.79
CA LEU D 51 -42.26 -5.15 3.46
C LEU D 51 -41.08 -4.19 3.61
N ASP D 52 -39.91 -4.71 3.97
CA ASP D 52 -38.72 -3.87 4.09
C ASP D 52 -38.20 -3.40 2.72
N MSE D 53 -38.39 -4.25 1.72
CA MSE D 53 -38.16 -3.92 0.31
C MSE D 53 -39.04 -2.79 -0.19
O MSE D 53 -38.53 -1.82 -0.78
CB MSE D 53 -38.44 -5.16 -0.54
CG MSE D 53 -37.66 -5.21 -1.87
SE MSE D 53 -35.77 -5.96 -1.64
CE MSE D 53 -35.98 -7.82 -2.56
N ILE D 54 -40.33 -2.94 0.07
CA ILE D 54 -41.40 -2.01 -0.33
C ILE D 54 -41.17 -0.60 0.19
N GLU D 55 -40.92 -0.46 1.50
CA GLU D 55 -40.72 0.88 2.11
C GLU D 55 -39.60 1.69 1.48
N ASN D 56 -38.53 0.99 1.08
CA ASN D 56 -37.33 1.59 0.49
C ASN D 56 -37.37 1.75 -1.05
N ASP D 57 -38.59 1.68 -1.62
CA ASP D 57 -38.85 1.86 -3.06
C ASP D 57 -38.00 0.98 -4.03
N HIS D 58 -37.18 0.09 -3.47
CA HIS D 58 -36.43 -0.97 -4.20
C HIS D 58 -37.29 -1.59 -5.29
N PRO D 59 -36.75 -1.71 -6.54
CA PRO D 59 -37.51 -2.36 -7.65
C PRO D 59 -37.89 -3.79 -7.31
N GLN D 60 -39.19 -4.04 -7.23
CA GLN D 60 -39.70 -5.42 -7.03
C GLN D 60 -41.05 -5.64 -7.76
N PHE D 61 -41.09 -6.71 -8.56
CA PHE D 61 -42.20 -7.03 -9.42
C PHE D 61 -42.63 -8.45 -9.25
N VAL D 62 -43.92 -8.70 -9.40
CA VAL D 62 -44.42 -10.05 -9.46
C VAL D 62 -45.21 -10.23 -10.80
N ALA D 63 -45.27 -11.46 -11.29
CA ALA D 63 -46.19 -11.82 -12.38
C ALA D 63 -47.28 -12.67 -11.77
N ILE D 64 -48.53 -12.30 -12.11
CA ILE D 64 -49.75 -12.89 -11.60
C ILE D 64 -50.53 -13.66 -12.73
N ALA D 65 -50.72 -14.97 -12.55
CA ALA D 65 -51.62 -15.75 -13.37
C ALA D 65 -52.77 -16.20 -12.47
N ASP D 66 -53.99 -16.11 -13.02
CA ASP D 66 -55.25 -16.27 -12.26
C ASP D 66 -55.15 -15.87 -10.75
N GLY D 67 -54.86 -14.56 -10.58
CA GLY D 67 -54.67 -14.04 -9.23
C GLY D 67 -53.30 -14.31 -8.60
N ASP D 68 -52.69 -15.45 -8.93
CA ASP D 68 -51.56 -15.96 -8.13
C ASP D 68 -50.18 -15.55 -8.62
N VAL D 69 -49.26 -15.33 -7.69
CA VAL D 69 -47.85 -15.07 -8.05
C VAL D 69 -47.16 -16.34 -8.61
N ILE D 70 -46.79 -16.25 -9.88
CA ILE D 70 -46.09 -17.32 -10.62
C ILE D 70 -44.66 -16.95 -11.11
N GLY D 71 -44.32 -15.67 -11.00
CA GLY D 71 -42.96 -15.15 -11.24
C GLY D 71 -42.67 -13.89 -10.43
N TRP D 72 -41.39 -13.52 -10.32
CA TRP D 72 -40.97 -12.32 -9.64
C TRP D 72 -39.60 -11.90 -10.15
N CYS D 73 -39.37 -10.60 -10.12
CA CYS D 73 -38.07 -10.04 -10.41
C CYS D 73 -37.77 -8.88 -9.44
N ASP D 74 -36.64 -8.91 -8.74
CA ASP D 74 -36.28 -7.77 -7.88
C ASP D 74 -34.84 -7.42 -7.87
N ILE D 75 -34.57 -6.15 -7.57
CA ILE D 75 -33.25 -5.61 -7.43
C ILE D 75 -33.19 -4.96 -6.07
N ARG D 76 -32.33 -5.52 -5.21
CA ARG D 76 -32.00 -4.91 -3.96
C ARG D 76 -30.70 -4.10 -4.05
N ARG D 77 -30.83 -2.84 -3.65
CA ARG D 77 -29.72 -1.90 -3.50
C ARG D 77 -28.73 -2.38 -2.49
N GLN D 78 -27.46 -2.13 -2.80
CA GLN D 78 -26.38 -2.47 -1.88
C GLN D 78 -26.40 -1.57 -0.67
N ASP D 79 -25.89 -2.12 0.41
CA ASP D 79 -25.85 -1.51 1.74
C ASP D 79 -24.63 -0.60 1.92
N ARG D 80 -23.43 -1.17 1.78
CA ARG D 80 -22.16 -0.43 1.93
C ARG D 80 -22.29 0.93 1.21
N ALA D 81 -21.73 2.01 1.77
CA ALA D 81 -21.91 3.37 1.17
C ALA D 81 -21.30 3.48 -0.25
N THR D 82 -20.14 2.84 -0.41
CA THR D 82 -19.48 2.79 -1.67
C THR D 82 -20.20 1.87 -2.65
N ARG D 83 -21.20 1.11 -2.20
CA ARG D 83 -21.81 0.14 -3.08
C ARG D 83 -23.19 0.52 -3.48
N ALA D 84 -23.62 1.73 -3.12
CA ALA D 84 -25.01 2.08 -3.14
C ALA D 84 -25.62 2.34 -4.53
N HIS D 85 -24.76 2.54 -5.54
CA HIS D 85 -25.18 2.77 -6.93
C HIS D 85 -25.51 1.42 -7.58
N CYS D 86 -25.56 0.39 -6.74
CA CYS D 86 -25.47 -0.99 -7.20
C CYS D 86 -26.58 -1.77 -6.57
N GLY D 87 -27.19 -2.68 -7.33
CA GLY D 87 -28.08 -3.70 -6.80
C GLY D 87 -27.98 -5.10 -7.41
N THR D 88 -28.58 -6.05 -6.72
CA THR D 88 -28.54 -7.42 -7.08
C THR D 88 -29.91 -7.83 -7.63
N LEU D 89 -29.91 -8.27 -8.86
CA LEU D 89 -31.12 -8.89 -9.42
C LEU D 89 -31.28 -10.36 -8.96
N GLY D 90 -32.49 -10.71 -8.56
CA GLY D 90 -32.90 -12.10 -8.39
C GLY D 90 -34.21 -12.25 -9.16
N MSE D 91 -34.58 -13.47 -9.45
CA MSE D 91 -35.79 -13.72 -10.18
C MSE D 91 -36.09 -15.19 -10.26
O MSE D 91 -35.22 -16.04 -10.03
CB MSE D 91 -35.69 -13.10 -11.56
CG MSE D 91 -34.89 -13.87 -12.55
SE MSE D 91 -35.39 -13.29 -14.41
CE MSE D 91 -37.37 -12.73 -14.38
N GLY D 92 -37.35 -15.50 -10.52
CA GLY D 92 -37.83 -16.85 -10.51
C GLY D 92 -39.17 -16.90 -11.22
N ILE D 93 -39.38 -18.00 -11.95
CA ILE D 93 -40.59 -18.25 -12.73
C ILE D 93 -40.99 -19.70 -12.45
N LEU D 94 -42.21 -19.90 -11.98
CA LEU D 94 -42.78 -21.22 -11.75
C LEU D 94 -42.67 -22.10 -13.01
N PRO D 95 -42.54 -23.44 -12.84
CA PRO D 95 -42.33 -24.32 -14.02
C PRO D 95 -43.33 -24.11 -15.19
N ALA D 96 -44.63 -24.15 -14.89
CA ALA D 96 -45.67 -23.92 -15.91
C ALA D 96 -45.47 -22.69 -16.84
N TYR D 97 -44.76 -21.66 -16.35
CA TYR D 97 -44.69 -20.36 -17.03
C TYR D 97 -43.38 -19.99 -17.75
N ARG D 98 -42.41 -20.94 -17.75
CA ARG D 98 -41.11 -20.72 -18.39
C ARG D 98 -41.10 -20.93 -19.89
N ASN D 99 -40.14 -20.26 -20.54
CA ASN D 99 -39.90 -20.36 -22.00
C ASN D 99 -41.09 -19.78 -22.79
N LYS D 100 -41.83 -18.91 -22.11
CA LYS D 100 -42.97 -18.22 -22.68
C LYS D 100 -42.54 -16.95 -23.37
N GLY D 101 -41.50 -16.32 -22.79
CA GLY D 101 -41.09 -14.97 -23.16
C GLY D 101 -41.66 -14.02 -21.90
N LEU D 102 -42.21 -14.61 -20.85
CA LEU D 102 -42.51 -13.99 -19.56
C LEU D 102 -41.24 -13.39 -18.89
N GLY D 103 -40.09 -14.07 -18.88
CA GLY D 103 -38.89 -13.57 -18.09
C GLY D 103 -38.31 -12.25 -18.65
N ALA D 104 -38.24 -12.09 -19.99
CA ALA D 104 -37.70 -10.83 -20.53
C ALA D 104 -38.58 -9.61 -20.09
N ARG D 105 -39.91 -9.77 -20.16
CA ARG D 105 -40.88 -8.73 -19.76
C ARG D 105 -40.73 -8.39 -18.28
N LEU D 106 -40.83 -9.43 -17.44
CA LEU D 106 -40.55 -9.34 -15.99
C LEU D 106 -39.25 -8.55 -15.69
N MSE D 107 -38.14 -8.93 -16.32
CA MSE D 107 -36.86 -8.19 -16.17
C MSE D 107 -36.78 -6.80 -16.74
O MSE D 107 -36.05 -5.98 -16.23
CB MSE D 107 -35.73 -8.98 -16.81
CG MSE D 107 -34.86 -9.71 -15.80
SE MSE D 107 -33.38 -10.66 -16.75
CE MSE D 107 -34.08 -10.97 -18.64
N ARG D 108 -37.52 -6.54 -17.83
CA ARG D 108 -37.54 -5.22 -18.48
C ARG D 108 -38.19 -4.13 -17.58
N ARG D 109 -39.27 -4.49 -16.90
CA ARG D 109 -39.90 -3.59 -15.95
C ARG D 109 -39.01 -3.30 -14.75
N THR D 110 -38.31 -4.31 -14.25
CA THR D 110 -37.53 -4.17 -13.02
C THR D 110 -36.31 -3.33 -13.30
N LEU D 111 -35.80 -3.50 -14.50
CA LEU D 111 -34.58 -2.86 -14.89
C LEU D 111 -34.86 -1.39 -15.20
N ASP D 112 -35.97 -1.09 -15.89
CA ASP D 112 -36.51 0.32 -15.96
C ASP D 112 -36.73 0.99 -14.62
N ALA D 113 -37.32 0.27 -13.67
CA ALA D 113 -37.65 0.85 -12.36
C ALA D 113 -36.37 1.12 -11.58
N ALA D 114 -35.35 0.31 -11.87
CA ALA D 114 -34.00 0.45 -11.29
C ALA D 114 -33.29 1.73 -11.75
N HIS D 115 -33.27 1.93 -13.07
CA HIS D 115 -32.71 3.10 -13.70
C HIS D 115 -33.43 4.41 -13.25
N GLU D 116 -34.76 4.50 -13.49
CA GLU D 116 -35.57 5.67 -13.08
C GLU D 116 -35.32 5.99 -11.59
N PHE D 117 -35.13 4.89 -10.81
CA PHE D 117 -34.64 4.94 -9.42
C PHE D 117 -33.20 5.48 -9.20
N GLY D 118 -32.34 5.54 -10.23
CA GLY D 118 -30.97 6.07 -10.00
C GLY D 118 -29.75 5.15 -10.05
N LEU D 119 -29.95 3.83 -9.96
CA LEU D 119 -28.82 2.88 -9.95
C LEU D 119 -27.95 2.92 -11.21
N HIS D 120 -26.70 2.51 -11.05
CA HIS D 120 -25.72 2.50 -12.12
C HIS D 120 -25.51 1.06 -12.59
N ARG D 121 -25.58 0.11 -11.65
CA ARG D 121 -25.01 -1.20 -11.90
C ARG D 121 -25.94 -2.26 -11.33
N ILE D 122 -26.38 -3.19 -12.18
CA ILE D 122 -27.23 -4.34 -11.75
C ILE D 122 -26.36 -5.55 -12.00
N GLU D 123 -26.31 -6.45 -11.03
CA GLU D 123 -25.32 -7.48 -11.04
C GLU D 123 -25.99 -8.77 -10.59
N LEU D 124 -25.48 -9.91 -11.07
CA LEU D 124 -26.14 -11.17 -10.72
C LEU D 124 -25.14 -12.29 -10.80
N SER D 125 -25.53 -13.45 -10.32
CA SER D 125 -24.72 -14.65 -10.28
C SER D 125 -25.62 -15.74 -10.83
N VAL D 126 -25.10 -16.61 -11.66
CA VAL D 126 -25.99 -17.65 -12.21
C VAL D 126 -25.21 -18.96 -12.30
N HIS D 127 -25.84 -20.12 -12.10
CA HIS D 127 -25.17 -21.42 -12.25
C HIS D 127 -24.80 -21.72 -13.66
N ALA D 128 -23.56 -22.16 -13.83
CA ALA D 128 -22.99 -22.29 -15.18
C ALA D 128 -23.85 -23.18 -16.07
N ASP D 129 -24.58 -24.11 -15.43
CA ASP D 129 -25.45 -25.07 -16.07
C ASP D 129 -26.91 -24.61 -16.24
N ASN D 130 -27.21 -23.40 -15.83
CA ASN D 130 -28.56 -22.90 -16.06
C ASN D 130 -28.66 -22.19 -17.42
N ALA D 131 -28.70 -23.00 -18.51
CA ALA D 131 -28.80 -22.50 -19.89
C ALA D 131 -30.00 -21.58 -20.22
N ARG D 132 -31.12 -21.71 -19.51
CA ARG D 132 -32.36 -20.95 -19.81
C ARG D 132 -32.16 -19.53 -19.34
N ALA D 133 -31.68 -19.40 -18.09
CA ALA D 133 -31.35 -18.12 -17.48
C ALA D 133 -30.18 -17.37 -18.16
N ILE D 134 -29.08 -18.06 -18.37
CA ILE D 134 -27.96 -17.47 -19.12
C ILE D 134 -28.42 -16.97 -20.50
N ALA D 135 -29.19 -17.75 -21.25
CA ALA D 135 -29.72 -17.21 -22.50
C ALA D 135 -30.61 -15.98 -22.29
N LEU D 136 -31.45 -16.01 -21.26
CA LEU D 136 -32.33 -14.89 -20.92
C LEU D 136 -31.48 -13.64 -20.54
N TYR D 137 -30.48 -13.81 -19.66
CA TYR D 137 -29.62 -12.69 -19.21
C TYR D 137 -28.87 -12.07 -20.33
N GLU D 138 -28.23 -12.88 -21.21
CA GLU D 138 -27.53 -12.39 -22.42
C GLU D 138 -28.47 -11.67 -23.37
N LYS D 139 -29.68 -12.18 -23.54
CA LYS D 139 -30.62 -11.56 -24.45
C LYS D 139 -31.00 -10.07 -24.07
N ILE D 140 -31.27 -9.85 -22.80
CA ILE D 140 -31.60 -8.51 -22.30
C ILE D 140 -30.38 -7.61 -22.13
N GLY D 141 -29.18 -8.18 -22.26
CA GLY D 141 -27.98 -7.38 -22.27
C GLY D 141 -27.02 -7.42 -21.10
N PHE D 142 -27.15 -8.37 -20.16
CA PHE D 142 -26.04 -8.57 -19.17
C PHE D 142 -24.77 -9.00 -19.86
N ALA D 143 -23.66 -8.54 -19.33
CA ALA D 143 -22.37 -8.84 -19.84
C ALA D 143 -21.79 -9.86 -18.82
N HIS D 144 -21.01 -10.85 -19.27
CA HIS D 144 -20.33 -11.80 -18.39
C HIS D 144 -19.11 -11.13 -17.82
N GLU D 145 -18.89 -11.30 -16.50
CA GLU D 145 -17.82 -10.63 -15.75
C GLU D 145 -16.76 -11.58 -15.19
N GLY D 146 -17.05 -12.88 -15.23
CA GLY D 146 -16.11 -13.85 -14.68
C GLY D 146 -16.78 -15.14 -14.27
N ARG D 147 -15.96 -16.12 -13.87
CA ARG D 147 -16.44 -17.43 -13.56
C ARG D 147 -15.89 -17.88 -12.19
N ALA D 148 -16.78 -18.16 -11.24
CA ALA D 148 -16.35 -18.61 -9.89
C ALA D 148 -16.32 -20.12 -9.87
N ARG D 149 -15.12 -20.68 -9.92
CA ARG D 149 -14.91 -22.11 -10.01
C ARG D 149 -15.33 -22.82 -8.70
N ASP D 150 -16.27 -23.78 -8.83
CA ASP D 150 -16.72 -24.64 -7.71
C ASP D 150 -17.42 -23.78 -6.69
N ALA D 151 -17.99 -22.70 -7.15
CA ALA D 151 -18.65 -21.75 -6.24
C ALA D 151 -19.96 -22.31 -5.61
N VAL D 152 -20.53 -23.38 -6.21
CA VAL D 152 -21.84 -23.88 -5.81
C VAL D 152 -21.79 -25.40 -5.55
N SER D 153 -22.52 -25.89 -4.55
CA SER D 153 -22.56 -27.30 -4.22
C SER D 153 -24.01 -27.77 -4.23
N ILE D 154 -24.39 -28.59 -5.19
CA ILE D 154 -25.79 -29.00 -5.28
C ILE D 154 -25.75 -30.49 -5.28
N ASP D 155 -26.44 -31.09 -4.32
CA ASP D 155 -26.54 -32.56 -4.20
C ASP D 155 -25.13 -33.20 -4.14
N GLY D 156 -24.13 -32.37 -3.84
CA GLY D 156 -22.74 -32.81 -3.66
C GLY D 156 -21.88 -32.92 -4.92
N HIS D 157 -22.20 -32.13 -5.93
CA HIS D 157 -21.32 -31.86 -7.06
C HIS D 157 -21.00 -30.36 -6.95
N TYR D 158 -19.78 -29.95 -7.23
CA TYR D 158 -19.44 -28.52 -7.43
C TYR D 158 -19.80 -27.94 -8.80
N ILE D 159 -20.69 -26.96 -8.82
CA ILE D 159 -21.11 -26.22 -10.02
C ILE D 159 -20.37 -24.86 -10.08
N ASP D 160 -20.04 -24.39 -11.27
CA ASP D 160 -19.41 -23.08 -11.38
C ASP D 160 -20.53 -22.05 -11.35
N SER D 161 -20.18 -20.83 -11.04
CA SER D 161 -21.12 -19.78 -11.07
C SER D 161 -20.54 -18.65 -11.90
N LEU D 162 -21.35 -18.10 -12.79
CA LEU D 162 -21.04 -17.02 -13.73
C LEU D 162 -21.58 -15.66 -13.18
N ASN D 163 -20.68 -14.71 -13.04
CA ASN D 163 -20.99 -13.40 -12.63
C ASN D 163 -21.28 -12.60 -13.90
N MSE D 164 -22.36 -11.83 -13.86
CA MSE D 164 -22.73 -10.97 -14.99
C MSE D 164 -23.28 -9.63 -14.50
O MSE D 164 -23.75 -9.51 -13.40
CB MSE D 164 -23.80 -11.66 -15.87
CG MSE D 164 -23.54 -13.12 -16.18
SE MSE D 164 -25.01 -13.83 -17.27
CE MSE D 164 -24.56 -12.90 -19.12
N ALA D 165 -23.21 -8.62 -15.37
CA ALA D 165 -23.72 -7.26 -15.02
C ALA D 165 -24.24 -6.45 -16.18
N ILE D 166 -25.13 -5.53 -15.86
CA ILE D 166 -25.49 -4.47 -16.78
C ILE D 166 -25.17 -3.13 -16.09
N ILE D 167 -24.50 -2.24 -16.81
CA ILE D 167 -24.31 -0.85 -16.42
C ILE D 167 -25.14 0.14 -17.30
N PHE D 168 -25.98 0.96 -16.64
CA PHE D 168 -26.76 1.99 -17.29
C PHE D 168 -25.91 3.13 -17.79
N GLY D 169 -26.09 3.51 -19.07
CA GLY D 169 -25.01 4.21 -19.80
C GLY D 169 -25.32 5.24 -20.87
N ASN D 170 -24.26 5.94 -21.35
CA ASN D 170 -24.46 7.23 -22.05
C ASN D 170 -24.90 7.11 -23.53
N1A ACO E . 48.37 9.69 -0.86
C2A ACO E . 48.17 8.55 -1.53
N3A ACO E . 48.16 7.37 -0.88
C4A ACO E . 48.36 7.30 0.45
C5A ACO E . 48.55 8.49 1.24
C6A ACO E . 48.55 9.75 0.50
N6A ACO E . 48.72 10.90 1.27
N7A ACO E . 48.79 8.11 2.56
C8A ACO E . 48.68 6.78 2.64
N9A ACO E . 48.47 6.31 1.39
C1B ACO E . 48.28 4.92 1.07
C2B ACO E . 49.17 3.93 1.80
O2B ACO E . 50.31 3.73 0.94
C3B ACO E . 48.16 2.78 1.84
O3B ACO E . 48.03 2.24 0.51
P3B ACO E . 48.93 1.03 -0.13
O7A ACO E . 50.38 1.44 -0.35
O8A ACO E . 48.17 0.97 -1.47
O9A ACO E . 48.93 -0.03 0.90
C4B ACO E . 46.79 3.40 2.09
O4B ACO E . 46.90 4.70 1.50
C5B ACO E . 46.51 3.58 3.61
O5B ACO E . 46.17 2.32 4.15
P1A ACO E . 45.99 2.02 5.66
O1A ACO E . 45.18 0.77 5.64
O2A ACO E . 47.43 2.15 6.10
O3A ACO E . 45.08 3.30 6.10
P2A ACO E . 44.84 3.92 7.51
O4A ACO E . 45.09 3.06 8.71
O5A ACO E . 45.59 5.23 7.45
O6A ACO E . 43.22 4.19 7.44
CBP ACO E . 41.92 6.22 7.04
CCP ACO E . 42.72 5.07 6.41
CDP ACO E . 41.56 7.22 5.89
CEP ACO E . 40.65 5.71 7.74
CAP ACO E . 42.70 6.95 8.21
OAP ACO E . 43.89 7.42 7.63
C9P ACO E . 42.07 8.12 8.92
O9P ACO E . 41.37 7.93 9.90
N8P ACO E . 42.30 9.36 8.44
C7P ACO E . 41.58 10.50 9.07
C6P ACO E . 40.07 10.38 9.01
C5P ACO E . 39.44 10.00 7.70
O5P ACO E . 39.86 10.39 6.61
N4P ACO E . 38.32 9.26 7.78
C3P ACO E . 37.81 8.55 6.62
C2P ACO E . 37.29 9.56 5.62
S1P ACO E . 35.84 10.35 6.27
C ACO E . 35.47 10.32 4.64
O ACO E . 36.01 9.48 3.97
CH3 ACO E . 34.41 11.29 4.18
N1A ACO F . 11.53 9.91 -22.83
C2A ACO F . 12.32 10.99 -23.08
N3A ACO F . 11.84 12.25 -22.92
C4A ACO F . 10.59 12.47 -22.47
C5A ACO F . 9.78 11.30 -22.15
C6A ACO F . 10.32 9.97 -22.36
N6A ACO F . 9.57 8.87 -22.03
N7A ACO F . 8.58 11.75 -21.72
C8A ACO F . 8.60 13.10 -21.78
N9A ACO F . 9.80 13.55 -22.24
C1B ACO F . 10.23 14.97 -22.30
C2B ACO F . 9.27 16.05 -22.72
O2B ACO F . 9.30 16.09 -24.13
C3B ACO F . 9.89 17.27 -21.98
O3B ACO F . 11.16 17.68 -22.54
P3B ACO F . 11.17 18.81 -23.74
O7A ACO F . 12.68 18.89 -23.86
O8A ACO F . 10.25 19.99 -23.33
O9A ACO F . 10.53 18.16 -24.94
C4B ACO F . 10.21 16.72 -20.59
O4B ACO F . 10.32 15.32 -20.89
C5B ACO F . 9.17 16.95 -19.47
O5B ACO F . 8.92 18.35 -19.18
P1A ACO F . 7.66 18.80 -18.35
O1A ACO F . 8.09 20.14 -17.83
O2A ACO F . 6.45 18.71 -19.33
O3A ACO F . 7.58 17.67 -17.21
P2A ACO F . 6.52 17.12 -16.17
O4A ACO F . 5.57 18.24 -15.97
O5A ACO F . 6.05 15.79 -16.78
O6A ACO F . 7.47 16.88 -14.90
CBP ACO F . 8.09 15.02 -13.59
CCP ACO F . 8.54 15.86 -14.80
CDP ACO F . 9.20 13.96 -13.54
CEP ACO F . 8.04 15.81 -12.25
CAP ACO F . 6.66 14.40 -13.87
OAP ACO F . 6.70 13.69 -15.12
C9P ACO F . 6.28 13.41 -12.81
O9P ACO F . 5.81 13.76 -11.70
N8P ACO F . 6.59 12.11 -13.01
C7P ACO F . 6.27 11.28 -11.83
C6P ACO F . 7.15 11.40 -10.62
C5P ACO F . 8.65 11.51 -10.90
O5P ACO F . 9.27 10.87 -11.76
N4P ACO F . 9.24 12.40 -10.07
C3P ACO F . 10.59 12.82 -10.07
C2P ACO F . 11.13 12.47 -8.69
S1P ACO F . 12.12 11.20 -9.31
C ACO F . 13.48 11.69 -8.65
O ACO F . 13.94 12.77 -8.99
CH3 ACO F . 13.98 10.65 -7.64
N1A ACO G . 3.54 -4.75 -7.65
C2A ACO G . 4.09 -5.98 -7.38
N3A ACO G . 4.32 -6.41 -6.11
C4A ACO G . 3.97 -5.61 -5.07
C5A ACO G . 3.38 -4.26 -5.26
C6A ACO G . 3.16 -3.84 -6.69
N6A ACO G . 2.67 -2.61 -7.04
N7A ACO G . 3.20 -3.74 -4.00
C8A ACO G . 3.61 -4.69 -3.09
N9A ACO G . 4.08 -5.77 -3.76
C1B ACO G . 4.59 -7.03 -3.24
C2B ACO G . 5.73 -6.93 -2.28
O2B ACO G . 7.01 -6.87 -2.98
C3B ACO G . 5.41 -8.18 -1.42
O3B ACO G . 5.93 -9.42 -1.96
P3B ACO G . 7.37 -10.00 -1.48
O7A ACO G . 7.53 -11.16 -2.43
O8A ACO G . 7.22 -10.26 0.02
O9A ACO G . 8.30 -8.80 -1.74
C4B ACO G . 3.88 -8.32 -1.42
O4B ACO G . 3.47 -7.61 -2.60
C5B ACO G . 3.23 -7.68 -0.20
O5B ACO G . 3.45 -8.57 0.90
P1A ACO G . 3.52 -8.14 2.46
O1A ACO G . 3.25 -9.42 3.26
O2A ACO G . 4.85 -7.38 2.53
O3A ACO G . 2.26 -7.12 2.53
P2A ACO G . 1.61 -6.22 3.70
O4A ACO G . 2.16 -6.69 5.07
O5A ACO G . 1.82 -4.79 3.32
O6A ACO G . 0.03 -6.59 3.50
CBP ACO G . -2.17 -5.76 2.88
CCP ACO G . -0.84 -6.34 2.37
CDP ACO G . -3.08 -5.42 1.68
CEP ACO G . -2.91 -6.82 3.77
CAP ACO G . -1.91 -4.44 3.64
OAP ACO G . -0.68 -3.77 3.25
C9P ACO G . -2.91 -3.35 3.37
O9P ACO G . -2.83 -2.65 2.37
N8P ACO G . -3.85 -3.03 4.18
C7P ACO G . -4.59 -1.90 3.57
C6P ACO G . -6.02 -2.33 3.21
C5P ACO G . -6.00 -3.36 2.11
O5P ACO G . -5.53 -3.05 1.02
N4P ACO G . -6.47 -4.58 2.37
C3P ACO G . -7.03 -5.49 1.37
C2P ACO G . -8.55 -5.24 1.14
S1P ACO G . -8.96 -5.84 -0.47
C ACO G . -9.54 -7.45 -0.14
O ACO G . -10.63 -7.74 0.38
CH3 ACO G . -8.78 -8.64 -0.53
#